data_7E48
#
_entry.id   7E48
#
_cell.length_a   96.390
_cell.length_b   96.390
_cell.length_c   139.500
_cell.angle_alpha   90.000
_cell.angle_beta   90.000
_cell.angle_gamma   120.000
#
_symmetry.space_group_name_H-M   'P 32'
#
loop_
_entity.id
_entity.type
_entity.pdbx_description
1 polymer 'Enoyl-[acyl-carrier-protein] reductase [NADH]'
2 non-polymer NICOTINAMIDE-ADENINE-DINUCLEOTIDE
3 non-polymer '3-NITROPROPANOIC ACID'
4 non-polymer GLYCEROL
5 water water
#
_entity_poly.entity_id   1
_entity_poly.type   'polypeptide(L)'
_entity_poly.pdbx_seq_one_letter_code
;MTGLLDGKRILVSGIITDSSIAFHIARVAQEQGAQLVLTGFDRLRLIQRITDRLPAKAPLLELDVQNEEHLASLAGRVTE
AIGAGNKLDGVVHSIGFMPQTGMGINPFFDAPYADVSKGIHISAYSYASMAKALLPIMNPGGSIVGMDFDPSRAMPAYNW
MTVAKSALESVNRFVAREAGKYGVRSNLVAAGPIRTLAMSAIVGGALGEEAGAQIQLLEEGWDQRAPIGWNMKDATPVAK
TVCALLSDWLPATTGDIIYADGGAHTQLL
;
_entity_poly.pdbx_strand_id   A,B,C,D
#
# COMPACT_ATOMS: atom_id res chain seq x y z
N GLY A 3 -8.63 -34.76 -0.25
CA GLY A 3 -8.50 -33.88 0.94
C GLY A 3 -7.35 -32.89 0.79
N LEU A 4 -7.65 -31.59 0.83
CA LEU A 4 -6.68 -30.47 0.66
C LEU A 4 -5.56 -30.60 1.69
N LEU A 5 -5.90 -30.93 2.94
CA LEU A 5 -4.96 -31.00 4.09
C LEU A 5 -4.83 -32.45 4.58
N ASP A 6 -4.92 -33.42 3.66
CA ASP A 6 -4.91 -34.87 3.99
C ASP A 6 -3.56 -35.24 4.62
N GLY A 7 -3.57 -35.73 5.85
CA GLY A 7 -2.38 -36.21 6.58
C GLY A 7 -1.69 -35.12 7.38
N LYS A 8 -2.04 -33.84 7.15
CA LYS A 8 -1.42 -32.68 7.84
C LYS A 8 -1.91 -32.63 9.29
N ARG A 9 -0.99 -32.35 10.22
CA ARG A 9 -1.28 -32.14 11.66
C ARG A 9 -1.30 -30.63 11.94
N ILE A 10 -2.45 -30.09 12.35
CA ILE A 10 -2.69 -28.61 12.42
C ILE A 10 -3.23 -28.24 13.81
N LEU A 11 -2.52 -27.36 14.52
CA LEU A 11 -3.01 -26.71 15.77
C LEU A 11 -3.95 -25.58 15.37
N VAL A 12 -5.16 -25.53 15.95
CA VAL A 12 -6.17 -24.47 15.71
C VAL A 12 -6.54 -23.83 17.04
N SER A 13 -6.29 -22.53 17.17
CA SER A 13 -6.61 -21.70 18.37
C SER A 13 -7.89 -20.91 18.13
N GLY A 14 -8.51 -20.41 19.20
CA GLY A 14 -9.50 -19.32 19.15
C GLY A 14 -10.92 -19.79 18.94
N ILE A 15 -11.22 -21.08 19.16
CA ILE A 15 -12.63 -21.57 19.27
C ILE A 15 -13.13 -21.20 20.67
N ILE A 16 -14.24 -20.46 20.75
CA ILE A 16 -14.95 -20.15 22.03
C ILE A 16 -16.43 -20.52 21.90
N THR A 17 -17.05 -20.26 20.74
CA THR A 17 -18.44 -20.66 20.40
C THR A 17 -18.44 -21.28 18.99
N ASP A 18 -19.60 -21.74 18.53
CA ASP A 18 -19.80 -22.36 17.19
C ASP A 18 -19.90 -21.28 16.11
N SER A 19 -19.97 -20.01 16.51
CA SER A 19 -19.96 -18.82 15.59
C SER A 19 -18.54 -18.28 15.41
N SER A 20 -17.59 -18.71 16.26
CA SER A 20 -16.13 -18.43 16.15
C SER A 20 -15.64 -18.79 14.74
N ILE A 21 -14.81 -17.93 14.13
CA ILE A 21 -14.17 -18.18 12.81
C ILE A 21 -13.32 -19.46 12.93
N ALA A 22 -12.65 -19.65 14.08
CA ALA A 22 -11.76 -20.79 14.38
C ALA A 22 -12.52 -22.12 14.29
N PHE A 23 -13.80 -22.13 14.74
CA PHE A 23 -14.67 -23.33 14.67
C PHE A 23 -14.84 -23.74 13.20
N HIS A 24 -15.14 -22.76 12.35
CA HIS A 24 -15.37 -22.96 10.89
C HIS A 24 -14.05 -23.34 10.21
N ILE A 25 -12.93 -22.74 10.64
CA ILE A 25 -11.55 -23.12 10.19
C ILE A 25 -11.32 -24.60 10.54
N ALA A 26 -11.54 -24.97 11.80
CA ALA A 26 -11.40 -26.35 12.33
C ALA A 26 -12.30 -27.30 11.53
N ARG A 27 -13.57 -26.93 11.35
CA ARG A 27 -14.58 -27.75 10.63
C ARG A 27 -14.08 -28.05 9.21
N VAL A 28 -13.76 -27.01 8.43
CA VAL A 28 -13.34 -27.13 7.00
C VAL A 28 -12.01 -27.91 6.95
N ALA A 29 -11.11 -27.69 7.90
CA ALA A 29 -9.79 -28.36 7.97
C ALA A 29 -9.99 -29.87 8.11
N GLN A 30 -10.81 -30.29 9.07
CA GLN A 30 -11.13 -31.73 9.34
C GLN A 30 -11.82 -32.35 8.13
N GLU A 31 -12.73 -31.61 7.48
CA GLU A 31 -13.43 -32.04 6.24
C GLU A 31 -12.41 -32.37 5.14
N GLN A 32 -11.23 -31.73 5.17
CA GLN A 32 -10.17 -31.86 4.15
C GLN A 32 -9.05 -32.79 4.64
N GLY A 33 -9.29 -33.55 5.71
CA GLY A 33 -8.45 -34.69 6.14
C GLY A 33 -7.36 -34.29 7.11
N ALA A 34 -7.43 -33.10 7.69
CA ALA A 34 -6.45 -32.58 8.68
C ALA A 34 -6.71 -33.26 10.04
N GLN A 35 -5.65 -33.73 10.69
CA GLN A 35 -5.67 -34.17 12.11
C GLN A 35 -5.43 -32.95 12.99
N LEU A 36 -6.40 -32.58 13.84
CA LEU A 36 -6.39 -31.30 14.59
C LEU A 36 -5.90 -31.51 16.01
N VAL A 37 -5.10 -30.54 16.50
CA VAL A 37 -4.91 -30.23 17.94
C VAL A 37 -5.61 -28.89 18.18
N LEU A 38 -6.62 -28.86 19.05
CA LEU A 38 -7.35 -27.61 19.39
C LEU A 38 -6.75 -27.01 20.66
N THR A 39 -6.74 -25.67 20.75
CA THR A 39 -6.30 -24.92 21.95
C THR A 39 -7.40 -23.92 22.32
N GLY A 40 -7.68 -23.80 23.63
CA GLY A 40 -8.80 -23.02 24.17
C GLY A 40 -8.38 -22.19 25.36
N PHE A 41 -9.09 -21.09 25.63
CA PHE A 41 -8.79 -20.11 26.71
C PHE A 41 -9.93 -20.09 27.73
N ASP A 42 -9.59 -20.30 29.01
CA ASP A 42 -10.44 -20.00 30.20
C ASP A 42 -11.59 -21.02 30.29
N ARG A 43 -12.61 -20.87 29.45
CA ARG A 43 -13.87 -21.67 29.50
C ARG A 43 -13.67 -22.98 28.73
N LEU A 44 -12.91 -23.92 29.32
CA LEU A 44 -12.47 -25.18 28.66
C LEU A 44 -13.64 -26.16 28.55
N ARG A 45 -14.49 -26.24 29.58
CA ARG A 45 -15.72 -27.10 29.59
CA ARG A 45 -15.71 -27.10 29.58
C ARG A 45 -16.59 -26.71 28.39
N LEU A 46 -16.84 -25.41 28.24
CA LEU A 46 -17.63 -24.82 27.11
C LEU A 46 -17.01 -25.22 25.78
N ILE A 47 -15.72 -24.92 25.59
CA ILE A 47 -15.00 -25.15 24.31
C ILE A 47 -15.03 -26.65 23.97
N GLN A 48 -14.80 -27.51 24.97
CA GLN A 48 -14.84 -28.99 24.81
C GLN A 48 -16.22 -29.39 24.27
N ARG A 49 -17.30 -28.84 24.85
CA ARG A 49 -18.71 -29.10 24.43
C ARG A 49 -18.93 -28.61 22.99
N ILE A 50 -18.52 -27.38 22.69
CA ILE A 50 -18.69 -26.73 21.36
C ILE A 50 -17.98 -27.55 20.30
N THR A 51 -16.75 -28.00 20.59
CA THR A 51 -15.84 -28.69 19.64
C THR A 51 -16.29 -30.14 19.40
N ASP A 52 -17.13 -30.69 20.30
CA ASP A 52 -17.73 -32.04 20.15
C ASP A 52 -18.58 -32.09 18.87
N ARG A 53 -19.04 -30.93 18.39
CA ARG A 53 -19.90 -30.79 17.18
C ARG A 53 -19.03 -30.81 15.91
N LEU A 54 -17.70 -30.85 16.03
CA LEU A 54 -16.78 -30.92 14.87
C LEU A 54 -16.88 -32.31 14.22
N PRO A 55 -16.69 -32.43 12.89
CA PRO A 55 -16.80 -33.71 12.20
C PRO A 55 -16.02 -34.86 12.83
N ALA A 56 -14.87 -34.57 13.44
CA ALA A 56 -13.98 -35.54 14.12
C ALA A 56 -13.56 -34.99 15.49
N LYS A 57 -13.29 -35.86 16.46
CA LYS A 57 -12.82 -35.45 17.81
C LYS A 57 -11.35 -35.05 17.70
N ALA A 58 -10.95 -34.03 18.46
CA ALA A 58 -9.58 -33.46 18.48
C ALA A 58 -9.16 -33.18 19.92
N PRO A 59 -7.91 -33.49 20.32
CA PRO A 59 -7.43 -33.13 21.64
C PRO A 59 -7.50 -31.61 21.85
N LEU A 60 -8.00 -31.17 23.02
CA LEU A 60 -8.13 -29.75 23.42
C LEU A 60 -7.11 -29.44 24.52
N LEU A 61 -6.19 -28.51 24.26
CA LEU A 61 -5.16 -28.06 25.23
C LEU A 61 -5.50 -26.64 25.71
N GLU A 62 -5.32 -26.36 27.00
CA GLU A 62 -5.51 -25.00 27.59
C GLU A 62 -4.33 -24.12 27.14
N LEU A 63 -4.62 -23.01 26.47
CA LEU A 63 -3.61 -21.95 26.15
C LEU A 63 -4.21 -20.57 26.40
N ASP A 64 -3.78 -19.94 27.49
CA ASP A 64 -3.81 -18.48 27.71
C ASP A 64 -2.49 -17.90 27.20
N VAL A 65 -2.53 -17.10 26.12
CA VAL A 65 -1.31 -16.58 25.43
C VAL A 65 -0.62 -15.54 26.33
N GLN A 66 -1.29 -15.07 27.38
CA GLN A 66 -0.72 -14.13 28.38
C GLN A 66 0.00 -14.91 29.50
N ASN A 67 -0.12 -16.25 29.50
CA ASN A 67 0.46 -17.14 30.53
C ASN A 67 1.77 -17.74 29.97
N GLU A 68 2.91 -17.38 30.57
CA GLU A 68 4.27 -17.79 30.13
C GLU A 68 4.41 -19.32 30.28
N GLU A 69 3.88 -19.90 31.36
CA GLU A 69 3.93 -21.36 31.65
C GLU A 69 3.18 -22.12 30.56
N HIS A 70 2.00 -21.64 30.17
CA HIS A 70 1.13 -22.23 29.10
C HIS A 70 1.93 -22.33 27.80
N LEU A 71 2.65 -21.26 27.44
CA LEU A 71 3.47 -21.18 26.19
C LEU A 71 4.71 -22.06 26.33
N ALA A 72 5.40 -22.00 27.47
CA ALA A 72 6.62 -22.77 27.79
C ALA A 72 6.33 -24.26 27.65
N SER A 73 5.20 -24.72 28.18
CA SER A 73 4.79 -26.16 28.24
C SER A 73 4.11 -26.60 26.95
N LEU A 74 3.68 -25.65 26.09
CA LEU A 74 2.76 -25.90 24.95
C LEU A 74 3.32 -27.02 24.04
N ALA A 75 4.53 -26.83 23.50
CA ALA A 75 5.18 -27.74 22.53
C ALA A 75 5.17 -29.18 23.07
N GLY A 76 5.52 -29.36 24.36
CA GLY A 76 5.50 -30.65 25.06
C GLY A 76 4.11 -31.27 25.05
N ARG A 77 3.10 -30.50 25.49
CA ARG A 77 1.68 -30.93 25.58
C ARG A 77 1.14 -31.29 24.19
N VAL A 78 1.55 -30.55 23.15
CA VAL A 78 1.15 -30.79 21.74
C VAL A 78 1.76 -32.11 21.28
N THR A 79 3.07 -32.31 21.53
CA THR A 79 3.84 -33.54 21.17
C THR A 79 3.17 -34.76 21.83
N GLU A 80 2.75 -34.63 23.08
CA GLU A 80 2.05 -35.71 23.85
C GLU A 80 0.74 -36.09 23.15
N ALA A 81 0.04 -35.11 22.58
CA ALA A 81 -1.30 -35.26 21.96
C ALA A 81 -1.18 -35.92 20.58
N ILE A 82 -0.24 -35.45 19.74
CA ILE A 82 -0.06 -35.92 18.34
C ILE A 82 0.89 -37.14 18.31
N GLY A 83 1.64 -37.37 19.38
CA GLY A 83 2.54 -38.53 19.54
C GLY A 83 3.99 -38.18 19.29
N ALA A 84 4.91 -38.71 20.11
CA ALA A 84 6.37 -38.48 20.02
C ALA A 84 6.86 -38.83 18.61
N GLY A 85 7.75 -38.01 18.05
CA GLY A 85 8.31 -38.19 16.69
C GLY A 85 7.45 -37.53 15.61
N ASN A 86 6.20 -37.20 15.93
CA ASN A 86 5.28 -36.46 15.03
C ASN A 86 5.41 -34.96 15.30
N LYS A 87 5.39 -34.15 14.23
CA LYS A 87 5.50 -32.66 14.29
C LYS A 87 4.20 -32.06 13.74
N LEU A 88 4.02 -30.74 13.90
CA LEU A 88 2.89 -29.97 13.34
C LEU A 88 3.22 -29.56 11.90
N ASP A 89 2.24 -29.60 11.01
CA ASP A 89 2.33 -29.10 9.61
C ASP A 89 1.63 -27.74 9.50
N GLY A 90 0.86 -27.36 10.52
CA GLY A 90 -0.02 -26.16 10.48
C GLY A 90 -0.29 -25.60 11.86
N VAL A 91 -0.42 -24.27 11.94
CA VAL A 91 -0.77 -23.52 13.18
C VAL A 91 -1.73 -22.38 12.79
N VAL A 92 -2.91 -22.35 13.40
CA VAL A 92 -3.92 -21.27 13.18
C VAL A 92 -3.99 -20.40 14.45
N HIS A 93 -3.58 -19.14 14.32
CA HIS A 93 -3.81 -18.05 15.31
C HIS A 93 -5.13 -17.37 14.96
N SER A 94 -6.19 -17.70 15.69
CA SER A 94 -7.54 -17.07 15.57
C SER A 94 -7.90 -16.44 16.92
N ILE A 95 -6.94 -15.75 17.52
CA ILE A 95 -7.04 -15.14 18.88
C ILE A 95 -7.11 -13.62 18.71
N GLY A 96 -8.04 -12.98 19.42
CA GLY A 96 -8.24 -11.52 19.36
C GLY A 96 -9.03 -11.03 20.56
N PHE A 97 -8.55 -9.97 21.21
CA PHE A 97 -9.25 -9.28 22.32
C PHE A 97 -8.77 -7.84 22.43
N MET A 98 -9.69 -6.94 22.77
CA MET A 98 -9.42 -5.54 23.17
C MET A 98 -10.46 -5.14 24.21
N PRO A 99 -10.05 -4.72 25.43
CA PRO A 99 -10.99 -4.27 26.45
C PRO A 99 -12.01 -3.25 25.88
N GLN A 100 -13.19 -3.19 26.50
CA GLN A 100 -14.33 -2.31 26.09
C GLN A 100 -13.82 -0.87 25.91
N THR A 101 -12.96 -0.41 26.83
CA THR A 101 -12.38 0.97 26.83
C THR A 101 -11.63 1.26 25.53
N GLY A 102 -11.06 0.23 24.90
CA GLY A 102 -10.28 0.34 23.65
C GLY A 102 -11.15 0.39 22.40
N MET A 103 -12.48 0.23 22.54
CA MET A 103 -13.41 0.11 21.38
C MET A 103 -14.70 0.91 21.64
N GLY A 104 -15.57 0.97 20.62
CA GLY A 104 -16.94 1.53 20.72
C GLY A 104 -16.95 3.04 20.85
N ILE A 105 -17.99 3.58 21.49
CA ILE A 105 -18.21 5.06 21.66
C ILE A 105 -17.29 5.58 22.77
N ASN A 106 -16.73 4.68 23.59
CA ASN A 106 -15.64 4.99 24.55
C ASN A 106 -14.56 5.74 23.77
N PRO A 107 -14.36 7.06 24.00
CA PRO A 107 -13.47 7.86 23.16
C PRO A 107 -12.08 7.21 23.00
N PHE A 108 -11.53 7.27 21.78
CA PHE A 108 -10.21 6.69 21.40
C PHE A 108 -9.14 7.13 22.42
N PHE A 109 -9.12 8.42 22.78
CA PHE A 109 -8.11 9.04 23.66
C PHE A 109 -8.26 8.55 25.12
N ASP A 110 -9.43 8.05 25.50
CA ASP A 110 -9.78 7.70 26.90
C ASP A 110 -9.35 6.27 27.24
N ALA A 111 -8.94 5.48 26.24
CA ALA A 111 -8.46 4.09 26.42
C ALA A 111 -7.16 4.10 27.21
N PRO A 112 -7.15 3.58 28.47
CA PRO A 112 -5.92 3.51 29.25
C PRO A 112 -4.92 2.54 28.59
N TYR A 113 -3.62 2.84 28.64
CA TYR A 113 -2.60 2.02 27.93
C TYR A 113 -2.59 0.58 28.49
N ALA A 114 -2.80 0.43 29.80
CA ALA A 114 -2.89 -0.88 30.49
C ALA A 114 -3.88 -1.79 29.76
N ASP A 115 -5.01 -1.21 29.29
CA ASP A 115 -6.09 -1.93 28.55
C ASP A 115 -5.63 -2.16 27.10
N VAL A 116 -5.07 -1.15 26.46
CA VAL A 116 -4.55 -1.21 25.05
C VAL A 116 -3.44 -2.28 25.00
N SER A 117 -2.51 -2.25 25.95
CA SER A 117 -1.36 -3.19 26.06
C SER A 117 -1.87 -4.63 26.20
N LYS A 118 -2.90 -4.85 27.04
CA LYS A 118 -3.55 -6.16 27.21
C LYS A 118 -4.08 -6.63 25.84
N GLY A 119 -4.72 -5.72 25.10
CA GLY A 119 -5.29 -5.99 23.76
C GLY A 119 -4.21 -6.34 22.75
N ILE A 120 -3.15 -5.53 22.69
CA ILE A 120 -1.99 -5.74 21.77
C ILE A 120 -1.29 -7.06 22.12
N HIS A 121 -1.14 -7.36 23.42
CA HIS A 121 -0.56 -8.63 23.93
C HIS A 121 -1.30 -9.82 23.29
N ILE A 122 -2.62 -9.87 23.46
CA ILE A 122 -3.48 -11.02 23.04
C ILE A 122 -3.61 -11.03 21.51
N SER A 123 -3.71 -9.87 20.87
CA SER A 123 -4.13 -9.72 19.45
C SER A 123 -2.93 -9.70 18.50
N ALA A 124 -1.76 -9.22 18.95
CA ALA A 124 -0.56 -8.99 18.09
C ALA A 124 0.62 -9.83 18.56
N TYR A 125 1.12 -9.59 19.77
CA TYR A 125 2.34 -10.22 20.34
C TYR A 125 2.17 -11.75 20.41
N SER A 126 0.97 -12.21 20.76
CA SER A 126 0.61 -13.64 20.93
C SER A 126 0.90 -14.43 19.66
N TYR A 127 0.85 -13.80 18.49
CA TYR A 127 1.17 -14.43 17.18
C TYR A 127 2.65 -14.83 17.15
N ALA A 128 3.52 -13.95 17.67
CA ALA A 128 4.98 -14.19 17.82
C ALA A 128 5.22 -15.24 18.90
N SER A 129 4.51 -15.15 20.02
CA SER A 129 4.58 -16.10 21.17
C SER A 129 4.25 -17.52 20.68
N MET A 130 3.12 -17.67 19.99
CA MET A 130 2.65 -18.98 19.45
C MET A 130 3.70 -19.53 18.47
N ALA A 131 4.25 -18.67 17.61
CA ALA A 131 5.28 -19.04 16.62
C ALA A 131 6.54 -19.55 17.32
N LYS A 132 7.01 -18.86 18.36
CA LYS A 132 8.21 -19.23 19.16
C LYS A 132 8.03 -20.63 19.74
N ALA A 133 6.91 -20.86 20.41
CA ALA A 133 6.57 -22.12 21.13
C ALA A 133 6.46 -23.28 20.14
N LEU A 134 5.87 -23.05 18.96
CA LEU A 134 5.39 -24.15 18.07
C LEU A 134 6.36 -24.43 16.90
N LEU A 135 7.15 -23.44 16.47
CA LEU A 135 8.09 -23.62 15.32
C LEU A 135 9.04 -24.80 15.58
N PRO A 136 9.63 -24.93 16.80
CA PRO A 136 10.47 -26.09 17.12
C PRO A 136 9.83 -27.46 16.84
N ILE A 137 8.50 -27.58 16.94
CA ILE A 137 7.75 -28.84 16.67
C ILE A 137 6.94 -28.71 15.38
N MET A 138 7.46 -27.98 14.37
CA MET A 138 6.80 -27.81 13.05
C MET A 138 7.70 -28.39 11.95
N ASN A 139 7.08 -29.13 11.01
CA ASN A 139 7.78 -29.79 9.86
C ASN A 139 8.18 -28.73 8.84
N PRO A 140 9.26 -28.96 8.06
CA PRO A 140 9.49 -28.20 6.82
C PRO A 140 8.27 -28.25 5.89
N GLY A 141 8.01 -27.16 5.17
CA GLY A 141 6.83 -26.98 4.31
C GLY A 141 5.59 -26.63 5.10
N GLY A 142 5.76 -26.33 6.41
CA GLY A 142 4.66 -26.01 7.33
C GLY A 142 4.08 -24.63 7.07
N SER A 143 2.97 -24.29 7.75
CA SER A 143 2.20 -23.04 7.55
C SER A 143 1.66 -22.52 8.89
N ILE A 144 1.95 -21.26 9.22
CA ILE A 144 1.32 -20.52 10.36
C ILE A 144 0.41 -19.45 9.76
N VAL A 145 -0.83 -19.36 10.27
CA VAL A 145 -1.89 -18.45 9.73
C VAL A 145 -2.54 -17.71 10.91
N GLY A 146 -2.61 -16.38 10.83
CA GLY A 146 -3.28 -15.51 11.81
C GLY A 146 -4.50 -14.86 11.20
N MET A 147 -5.51 -14.56 12.02
CA MET A 147 -6.75 -13.87 11.56
C MET A 147 -6.53 -12.36 11.69
N ASP A 148 -6.76 -11.63 10.59
CA ASP A 148 -6.51 -10.17 10.48
C ASP A 148 -7.81 -9.46 10.08
N PHE A 149 -7.94 -8.19 10.44
CA PHE A 149 -8.97 -7.25 9.92
C PHE A 149 -8.24 -6.01 9.39
N ASP A 150 -8.32 -5.77 8.08
CA ASP A 150 -7.56 -4.73 7.34
C ASP A 150 -7.56 -3.43 8.15
N PRO A 151 -6.40 -3.03 8.75
CA PRO A 151 -6.29 -1.76 9.45
C PRO A 151 -5.53 -0.67 8.66
N SER A 152 -5.32 -0.89 7.36
CA SER A 152 -4.61 0.05 6.45
CA SER A 152 -4.61 0.05 6.44
C SER A 152 -5.23 1.44 6.53
N ARG A 153 -6.56 1.50 6.71
CA ARG A 153 -7.35 2.74 6.90
C ARG A 153 -8.06 2.67 8.25
N ALA A 154 -8.14 3.79 8.97
CA ALA A 154 -8.88 3.90 10.25
C ALA A 154 -10.38 3.84 9.96
N MET A 155 -11.16 3.45 10.97
CA MET A 155 -12.64 3.29 10.86
C MET A 155 -13.27 3.49 12.23
N PRO A 156 -14.60 3.75 12.31
CA PRO A 156 -15.26 3.96 13.60
C PRO A 156 -15.28 2.69 14.47
N ALA A 157 -15.31 2.86 15.79
CA ALA A 157 -15.63 1.83 16.81
C ALA A 157 -14.47 0.86 17.02
N TYR A 158 -13.88 0.31 15.95
CA TYR A 158 -12.78 -0.70 16.01
C TYR A 158 -11.57 -0.11 16.75
N ASN A 159 -11.32 1.20 16.58
CA ASN A 159 -10.42 2.02 17.44
C ASN A 159 -9.08 1.30 17.66
N TRP A 160 -8.79 0.84 18.88
CA TRP A 160 -7.47 0.29 19.28
C TRP A 160 -7.31 -1.15 18.79
N MET A 161 -8.42 -1.84 18.51
CA MET A 161 -8.40 -3.19 17.86
C MET A 161 -7.75 -3.04 16.47
N THR A 162 -8.06 -1.96 15.76
CA THR A 162 -7.44 -1.61 14.45
C THR A 162 -5.93 -1.40 14.63
N VAL A 163 -5.54 -0.64 15.66
CA VAL A 163 -4.10 -0.39 16.00
C VAL A 163 -3.43 -1.74 16.28
N ALA A 164 -4.09 -2.62 17.03
CA ALA A 164 -3.60 -3.97 17.38
C ALA A 164 -3.40 -4.81 16.11
N LYS A 165 -4.34 -4.74 15.17
CA LYS A 165 -4.28 -5.46 13.86
C LYS A 165 -3.10 -4.92 13.03
N SER A 166 -2.85 -3.61 13.05
CA SER A 166 -1.69 -2.96 12.40
C SER A 166 -0.38 -3.54 12.97
N ALA A 167 -0.32 -3.71 14.29
CA ALA A 167 0.83 -4.31 15.01
C ALA A 167 0.99 -5.78 14.59
N LEU A 168 -0.13 -6.51 14.48
CA LEU A 168 -0.15 -7.95 14.09
C LEU A 168 0.46 -8.12 12.70
N GLU A 169 -0.02 -7.34 11.72
CA GLU A 169 0.49 -7.33 10.33
C GLU A 169 2.01 -7.19 10.34
N SER A 170 2.54 -6.25 11.13
CA SER A 170 3.99 -5.98 11.28
C SER A 170 4.69 -7.21 11.87
N VAL A 171 4.14 -7.77 12.96
CA VAL A 171 4.69 -8.95 13.68
C VAL A 171 4.76 -10.13 12.71
N ASN A 172 3.69 -10.37 11.93
CA ASN A 172 3.60 -11.46 10.93
C ASN A 172 4.82 -11.45 10.02
N ARG A 173 5.23 -10.27 9.53
CA ARG A 173 6.37 -10.11 8.58
C ARG A 173 7.68 -10.54 9.26
N PHE A 174 7.80 -10.32 10.58
CA PHE A 174 8.99 -10.70 11.38
C PHE A 174 8.95 -12.20 11.71
N VAL A 175 7.76 -12.70 12.05
CA VAL A 175 7.52 -14.16 12.30
C VAL A 175 7.93 -14.95 11.06
N ALA A 176 7.61 -14.42 9.87
CA ALA A 176 7.94 -15.02 8.55
C ALA A 176 9.45 -15.21 8.42
N ARG A 177 10.24 -14.22 8.87
CA ARG A 177 11.74 -14.27 8.85
C ARG A 177 12.23 -15.46 9.67
N GLU A 178 11.68 -15.61 10.89
CA GLU A 178 12.05 -16.71 11.84
C GLU A 178 11.52 -18.03 11.30
N ALA A 179 10.25 -18.05 10.87
CA ALA A 179 9.57 -19.24 10.29
C ALA A 179 10.38 -19.78 9.09
N GLY A 180 10.92 -18.88 8.27
CA GLY A 180 11.70 -19.20 7.06
C GLY A 180 12.81 -20.20 7.34
N LYS A 181 13.53 -20.03 8.45
CA LYS A 181 14.66 -20.90 8.88
C LYS A 181 14.17 -22.35 9.02
N TYR A 182 12.94 -22.55 9.51
CA TYR A 182 12.30 -23.88 9.71
C TYR A 182 11.63 -24.39 8.43
N GLY A 183 11.75 -23.66 7.32
CA GLY A 183 11.07 -23.97 6.05
C GLY A 183 9.57 -23.75 6.14
N VAL A 184 9.14 -22.92 7.10
CA VAL A 184 7.71 -22.69 7.47
C VAL A 184 7.28 -21.31 6.93
N ARG A 185 6.05 -21.23 6.42
CA ARG A 185 5.42 -19.96 5.97
C ARG A 185 4.60 -19.35 7.11
N SER A 186 4.53 -18.01 7.15
CA SER A 186 3.71 -17.23 8.10
C SER A 186 2.92 -16.18 7.31
N ASN A 187 1.58 -16.21 7.41
CA ASN A 187 0.67 -15.35 6.64
C ASN A 187 -0.56 -15.00 7.48
N LEU A 188 -1.22 -13.89 7.17
CA LEU A 188 -2.51 -13.49 7.79
C LEU A 188 -3.62 -13.62 6.75
N VAL A 189 -4.81 -14.03 7.19
CA VAL A 189 -6.08 -13.89 6.42
C VAL A 189 -6.80 -12.64 6.93
N ALA A 190 -6.87 -11.60 6.10
CA ALA A 190 -7.67 -10.38 6.33
C ALA A 190 -9.11 -10.67 5.93
N ALA A 191 -9.93 -11.12 6.88
CA ALA A 191 -11.35 -11.47 6.68
C ALA A 191 -12.19 -10.20 6.66
N GLY A 192 -13.32 -10.22 5.93
CA GLY A 192 -14.39 -9.23 6.07
C GLY A 192 -15.12 -9.42 7.40
N PRO A 193 -16.08 -8.52 7.76
CA PRO A 193 -16.76 -8.64 9.05
C PRO A 193 -17.63 -9.90 9.12
N ILE A 194 -17.47 -10.69 10.18
CA ILE A 194 -18.22 -11.96 10.42
C ILE A 194 -19.09 -11.78 11.66
N ARG A 195 -20.39 -12.09 11.55
CA ARG A 195 -21.38 -11.97 12.65
C ARG A 195 -21.11 -13.06 13.69
N THR A 196 -20.08 -12.85 14.50
CA THR A 196 -19.80 -13.64 15.74
C THR A 196 -20.70 -13.13 16.85
N LEU A 197 -20.65 -13.74 18.03
CA LEU A 197 -21.46 -13.33 19.21
C LEU A 197 -21.13 -11.88 19.55
N ALA A 198 -19.84 -11.56 19.67
CA ALA A 198 -19.31 -10.21 19.98
C ALA A 198 -19.74 -9.21 18.91
N MET A 199 -19.57 -9.55 17.63
CA MET A 199 -19.95 -8.70 16.48
C MET A 199 -21.44 -8.38 16.57
N SER A 200 -22.29 -9.41 16.77
CA SER A 200 -23.76 -9.28 16.89
C SER A 200 -24.11 -8.37 18.07
N ALA A 201 -23.47 -8.58 19.22
CA ALA A 201 -23.65 -7.78 20.45
C ALA A 201 -23.34 -6.31 20.16
N ILE A 202 -22.23 -6.04 19.45
CA ILE A 202 -21.75 -4.68 19.10
C ILE A 202 -22.77 -3.99 18.17
N VAL A 203 -23.30 -4.72 17.18
CA VAL A 203 -24.40 -4.23 16.28
C VAL A 203 -25.64 -3.94 17.13
N GLY A 204 -25.88 -4.76 18.16
CA GLY A 204 -27.01 -4.62 19.10
C GLY A 204 -26.85 -3.43 20.04
N GLY A 205 -25.70 -2.75 20.00
CA GLY A 205 -25.42 -1.51 20.75
C GLY A 205 -24.71 -1.78 22.08
N ALA A 206 -24.03 -2.92 22.19
CA ALA A 206 -23.35 -3.39 23.44
C ALA A 206 -22.21 -2.44 23.81
N LEU A 207 -21.54 -1.84 22.82
CA LEU A 207 -20.45 -0.84 23.03
C LEU A 207 -20.93 0.55 22.59
N GLY A 208 -22.18 0.89 22.92
CA GLY A 208 -22.78 2.19 22.62
C GLY A 208 -23.54 2.17 21.30
N GLU A 209 -24.57 3.02 21.20
CA GLU A 209 -25.53 3.03 20.05
C GLU A 209 -24.80 3.48 18.77
N GLU A 210 -24.09 4.62 18.84
CA GLU A 210 -23.39 5.24 17.68
C GLU A 210 -22.40 4.25 17.08
N ALA A 211 -21.70 3.48 17.93
CA ALA A 211 -20.68 2.47 17.53
C ALA A 211 -21.36 1.34 16.75
N GLY A 212 -22.50 0.83 17.26
CA GLY A 212 -23.30 -0.22 16.61
C GLY A 212 -23.86 0.25 15.28
N ALA A 213 -24.27 1.52 15.19
CA ALA A 213 -24.78 2.17 13.97
C ALA A 213 -23.69 2.20 12.89
N GLN A 214 -22.45 2.51 13.29
CA GLN A 214 -21.29 2.67 12.37
C GLN A 214 -20.85 1.29 11.85
N ILE A 215 -20.84 0.26 12.72
CA ILE A 215 -20.48 -1.14 12.34
C ILE A 215 -21.52 -1.67 11.35
N GLN A 216 -22.80 -1.35 11.55
CA GLN A 216 -23.91 -1.79 10.67
C GLN A 216 -23.76 -1.13 9.30
N LEU A 217 -23.34 0.15 9.26
CA LEU A 217 -23.08 0.88 8.01
C LEU A 217 -21.82 0.33 7.34
N LEU A 218 -20.83 -0.10 8.15
CA LEU A 218 -19.54 -0.66 7.65
C LEU A 218 -19.80 -1.99 6.94
N GLU A 219 -20.55 -2.90 7.58
CA GLU A 219 -20.84 -4.27 7.04
C GLU A 219 -21.72 -4.14 5.78
N GLU A 220 -22.63 -3.17 5.75
CA GLU A 220 -23.54 -2.91 4.61
C GLU A 220 -22.73 -2.36 3.43
N GLY A 221 -21.82 -1.41 3.70
CA GLY A 221 -20.90 -0.83 2.71
C GLY A 221 -19.94 -1.89 2.16
N TRP A 222 -19.60 -2.87 2.99
CA TRP A 222 -18.66 -3.98 2.65
C TRP A 222 -19.25 -4.85 1.55
N ASP A 223 -20.50 -5.29 1.73
CA ASP A 223 -21.25 -6.13 0.75
C ASP A 223 -21.41 -5.37 -0.58
N GLN A 224 -21.72 -4.07 -0.51
CA GLN A 224 -21.91 -3.19 -1.70
C GLN A 224 -20.59 -3.12 -2.50
N ARG A 225 -19.48 -2.84 -1.82
CA ARG A 225 -18.12 -2.67 -2.43
C ARG A 225 -17.66 -3.99 -3.06
N ALA A 226 -17.75 -5.08 -2.30
CA ALA A 226 -17.32 -6.45 -2.69
C ALA A 226 -17.91 -6.79 -4.05
N PRO A 227 -17.09 -6.89 -5.12
CA PRO A 227 -17.58 -7.26 -6.45
C PRO A 227 -18.34 -8.61 -6.49
N ILE A 228 -17.97 -9.55 -5.60
CA ILE A 228 -18.62 -10.90 -5.48
C ILE A 228 -19.51 -10.92 -4.24
N GLY A 229 -19.90 -9.74 -3.73
CA GLY A 229 -20.71 -9.57 -2.50
C GLY A 229 -19.95 -10.03 -1.26
N TRP A 230 -20.55 -9.83 -0.09
CA TRP A 230 -20.00 -10.30 1.21
C TRP A 230 -21.15 -10.70 2.13
N ASN A 231 -21.20 -11.99 2.50
CA ASN A 231 -22.16 -12.56 3.48
C ASN A 231 -21.45 -12.65 4.84
N MET A 232 -21.74 -11.71 5.75
CA MET A 232 -21.15 -11.62 7.11
C MET A 232 -21.63 -12.78 7.98
N LYS A 233 -22.70 -13.48 7.60
CA LYS A 233 -23.29 -14.62 8.35
C LYS A 233 -22.66 -15.94 7.86
N ASP A 234 -21.72 -15.89 6.91
CA ASP A 234 -21.07 -17.08 6.30
C ASP A 234 -19.54 -16.97 6.48
N ALA A 235 -19.00 -17.70 7.46
CA ALA A 235 -17.55 -17.74 7.79
C ALA A 235 -16.82 -18.78 6.92
N THR A 236 -17.55 -19.57 6.12
CA THR A 236 -17.00 -20.69 5.31
C THR A 236 -15.95 -20.16 4.33
N PRO A 237 -16.23 -19.09 3.54
CA PRO A 237 -15.22 -18.53 2.64
C PRO A 237 -13.92 -18.10 3.33
N VAL A 238 -14.02 -17.56 4.55
CA VAL A 238 -12.85 -17.21 5.41
C VAL A 238 -12.10 -18.50 5.76
N ALA A 239 -12.83 -19.49 6.29
CA ALA A 239 -12.31 -20.80 6.74
C ALA A 239 -11.56 -21.50 5.59
N LYS A 240 -12.14 -21.49 4.39
CA LYS A 240 -11.56 -22.12 3.18
C LYS A 240 -10.25 -21.42 2.81
N THR A 241 -10.19 -20.09 2.94
CA THR A 241 -9.00 -19.25 2.63
C THR A 241 -7.84 -19.59 3.58
N VAL A 242 -8.14 -19.78 4.88
CA VAL A 242 -7.14 -20.20 5.90
C VAL A 242 -6.57 -21.57 5.48
N CYS A 243 -7.45 -22.51 5.09
CA CYS A 243 -7.08 -23.88 4.67
C CYS A 243 -6.19 -23.83 3.42
N ALA A 244 -6.48 -22.92 2.48
CA ALA A 244 -5.68 -22.69 1.25
C ALA A 244 -4.23 -22.35 1.65
N LEU A 245 -4.05 -21.51 2.67
CA LEU A 245 -2.71 -21.09 3.18
C LEU A 245 -2.06 -22.23 3.96
N LEU A 246 -2.86 -23.03 4.68
CA LEU A 246 -2.38 -24.22 5.45
C LEU A 246 -1.96 -25.32 4.47
N SER A 247 -2.49 -25.31 3.25
CA SER A 247 -2.21 -26.31 2.18
C SER A 247 -0.84 -26.06 1.55
N ASP A 248 -0.49 -26.84 0.52
CA ASP A 248 0.80 -26.77 -0.21
C ASP A 248 0.65 -25.90 -1.47
N TRP A 249 -0.49 -25.20 -1.61
CA TRP A 249 -0.93 -24.57 -2.88
C TRP A 249 -0.68 -23.06 -2.88
N LEU A 250 -0.12 -22.53 -1.78
CA LEU A 250 0.46 -21.16 -1.71
C LEU A 250 1.87 -21.25 -1.13
N PRO A 251 2.78 -22.00 -1.79
CA PRO A 251 4.09 -22.32 -1.21
C PRO A 251 5.16 -21.22 -1.34
N ALA A 252 4.87 -20.16 -2.11
CA ALA A 252 5.79 -19.02 -2.37
C ALA A 252 5.24 -17.74 -1.73
N THR A 253 4.28 -17.87 -0.80
CA THR A 253 3.64 -16.74 -0.07
C THR A 253 3.99 -16.83 1.42
N THR A 254 4.66 -15.81 1.96
CA THR A 254 5.02 -15.71 3.40
C THR A 254 5.20 -14.24 3.80
N GLY A 255 5.04 -13.95 5.10
CA GLY A 255 5.03 -12.59 5.67
C GLY A 255 3.93 -11.74 5.05
N ASP A 256 2.92 -12.38 4.46
CA ASP A 256 1.97 -11.74 3.51
C ASP A 256 0.56 -11.78 4.11
N ILE A 257 -0.39 -11.13 3.43
CA ILE A 257 -1.82 -11.01 3.86
C ILE A 257 -2.70 -11.42 2.68
N ILE A 258 -3.51 -12.46 2.86
CA ILE A 258 -4.56 -12.90 1.90
C ILE A 258 -5.88 -12.27 2.36
N TYR A 259 -6.56 -11.54 1.45
CA TYR A 259 -7.81 -10.82 1.75
C TYR A 259 -9.00 -11.71 1.35
N ALA A 260 -9.66 -12.30 2.36
CA ALA A 260 -10.92 -13.06 2.24
C ALA A 260 -12.07 -12.12 2.62
N ASP A 261 -12.34 -11.10 1.79
CA ASP A 261 -13.20 -9.95 2.13
C ASP A 261 -14.19 -9.66 0.98
N GLY A 262 -14.38 -10.61 0.06
CA GLY A 262 -15.20 -10.44 -1.15
C GLY A 262 -14.59 -9.43 -2.12
N GLY A 263 -13.32 -9.07 -1.92
CA GLY A 263 -12.60 -8.08 -2.74
C GLY A 263 -13.02 -6.66 -2.41
N ALA A 264 -13.62 -6.44 -1.23
CA ALA A 264 -14.12 -5.13 -0.76
C ALA A 264 -12.96 -4.12 -0.66
N HIS A 265 -11.77 -4.56 -0.25
CA HIS A 265 -10.60 -3.68 0.01
C HIS A 265 -9.97 -3.19 -1.32
N THR A 266 -10.41 -3.70 -2.47
CA THR A 266 -9.86 -3.33 -3.80
C THR A 266 -10.82 -2.37 -4.52
N GLN A 267 -11.88 -1.95 -3.84
CA GLN A 267 -12.95 -1.09 -4.41
C GLN A 267 -13.19 0.09 -3.47
N LEU A 268 -13.47 1.28 -4.02
CA LEU A 268 -13.73 2.51 -3.23
C LEU A 268 -15.25 2.71 -3.12
N LEU A 269 -15.93 2.85 -4.25
CA LEU A 269 -17.38 3.21 -4.36
C LEU A 269 -17.64 4.52 -3.60
N GLY B 3 7.45 34.95 0.40
CA GLY B 3 7.04 34.18 -0.81
C GLY B 3 7.63 32.78 -0.82
N LEU B 4 6.78 31.75 -0.74
CA LEU B 4 7.18 30.32 -0.69
C LEU B 4 8.03 29.97 -1.92
N LEU B 5 7.67 30.52 -3.09
CA LEU B 5 8.33 30.26 -4.39
C LEU B 5 9.02 31.53 -4.90
N ASP B 6 9.54 32.35 -3.98
CA ASP B 6 10.12 33.68 -4.28
C ASP B 6 11.28 33.52 -5.28
N GLY B 7 11.16 34.12 -6.46
CA GLY B 7 12.19 34.11 -7.51
C GLY B 7 12.46 32.70 -8.05
N LYS B 8 11.40 31.88 -8.17
CA LYS B 8 11.47 30.53 -8.80
C LYS B 8 10.75 30.61 -10.16
N ARG B 9 11.37 30.03 -11.20
CA ARG B 9 10.81 29.98 -12.58
C ARG B 9 10.11 28.64 -12.78
N ILE B 10 8.77 28.66 -12.91
CA ILE B 10 7.91 27.45 -12.86
C ILE B 10 7.02 27.41 -14.12
N LEU B 11 7.17 26.36 -14.93
CA LEU B 11 6.24 26.03 -16.04
C LEU B 11 4.98 25.41 -15.43
N VAL B 12 3.79 25.89 -15.84
CA VAL B 12 2.48 25.34 -15.41
C VAL B 12 1.65 25.01 -16.66
N SER B 13 1.36 23.73 -16.85
CA SER B 13 0.49 23.19 -17.94
C SER B 13 -0.94 23.03 -17.41
N GLY B 14 -1.89 22.82 -18.31
CA GLY B 14 -3.22 22.25 -18.00
C GLY B 14 -4.27 23.28 -17.61
N ILE B 15 -4.04 24.58 -17.82
CA ILE B 15 -5.10 25.62 -17.70
C ILE B 15 -5.96 25.56 -18.98
N ILE B 16 -7.28 25.42 -18.82
CA ILE B 16 -8.27 25.53 -19.93
C ILE B 16 -9.38 26.50 -19.54
N THR B 17 -9.82 26.49 -18.27
CA THR B 17 -10.82 27.44 -17.71
C THR B 17 -10.33 27.95 -16.35
N ASP B 18 -11.11 28.83 -15.72
CA ASP B 18 -10.80 29.41 -14.38
C ASP B 18 -11.16 28.41 -13.27
N SER B 19 -11.83 27.30 -13.62
CA SER B 19 -12.19 26.19 -12.70
C SER B 19 -11.12 25.08 -12.75
N SER B 20 -10.25 25.09 -13.78
CA SER B 20 -9.07 24.20 -13.90
C SER B 20 -8.25 24.26 -12.61
N ILE B 21 -7.76 23.10 -12.14
CA ILE B 21 -6.87 23.00 -10.96
C ILE B 21 -5.59 23.82 -11.25
N ALA B 22 -5.06 23.69 -12.47
CA ALA B 22 -3.84 24.36 -12.97
C ALA B 22 -3.94 25.87 -12.80
N PHE B 23 -5.13 26.45 -13.03
CA PHE B 23 -5.39 27.91 -12.88
C PHE B 23 -5.11 28.29 -11.42
N HIS B 24 -5.64 27.52 -10.48
CA HIS B 24 -5.52 27.75 -9.01
C HIS B 24 -4.07 27.49 -8.56
N ILE B 25 -3.40 26.50 -9.16
CA ILE B 25 -1.94 26.25 -8.97
C ILE B 25 -1.18 27.51 -9.42
N ALA B 26 -1.41 27.94 -10.66
CA ALA B 26 -0.81 29.15 -11.28
C ALA B 26 -1.04 30.38 -10.39
N ARG B 27 -2.29 30.59 -9.94
CA ARG B 27 -2.68 31.75 -9.10
C ARG B 27 -1.84 31.75 -7.82
N VAL B 28 -1.90 30.67 -7.04
CA VAL B 28 -1.22 30.53 -5.72
C VAL B 28 0.29 30.62 -5.92
N ALA B 29 0.81 30.08 -7.02
CA ALA B 29 2.25 30.08 -7.36
C ALA B 29 2.74 31.52 -7.48
N GLN B 30 2.04 32.35 -8.26
CA GLN B 30 2.35 33.79 -8.50
C GLN B 30 2.21 34.59 -7.21
N GLU B 31 1.19 34.27 -6.39
CA GLU B 31 0.94 34.91 -5.07
C GLU B 31 2.16 34.70 -4.17
N GLN B 32 2.91 33.61 -4.37
CA GLN B 32 4.09 33.23 -3.54
C GLN B 32 5.40 33.57 -4.27
N GLY B 33 5.34 34.45 -5.28
CA GLY B 33 6.51 35.12 -5.88
C GLY B 33 7.16 34.33 -7.00
N ALA B 34 6.47 33.31 -7.53
CA ALA B 34 6.95 32.49 -8.66
C ALA B 34 6.79 33.28 -9.97
N GLN B 35 7.80 33.22 -10.84
CA GLN B 35 7.74 33.74 -12.23
C GLN B 35 7.31 32.58 -13.13
N LEU B 36 6.14 32.68 -13.75
CA LEU B 36 5.46 31.54 -14.43
C LEU B 36 5.71 31.56 -15.95
N VAL B 37 5.81 30.37 -16.53
CA VAL B 37 5.60 30.09 -17.98
C VAL B 37 4.40 29.15 -18.08
N LEU B 38 3.36 29.53 -18.82
CA LEU B 38 2.14 28.72 -18.99
C LEU B 38 2.22 27.98 -20.33
N THR B 39 1.77 26.72 -20.36
CA THR B 39 1.54 25.94 -21.61
C THR B 39 0.05 25.65 -21.72
N GLY B 40 -0.49 25.70 -22.95
CA GLY B 40 -1.92 25.50 -23.25
C GLY B 40 -2.10 24.63 -24.48
N PHE B 41 -3.25 23.95 -24.57
CA PHE B 41 -3.57 22.98 -25.64
C PHE B 41 -4.81 23.44 -26.42
N ASP B 42 -4.68 23.55 -27.75
CA ASP B 42 -5.80 23.69 -28.72
C ASP B 42 -6.36 25.11 -28.69
N ARG B 43 -7.16 25.45 -27.66
CA ARG B 43 -7.91 26.72 -27.55
C ARG B 43 -7.04 27.79 -26.88
N LEU B 44 -6.09 28.37 -27.62
CA LEU B 44 -5.05 29.29 -27.08
C LEU B 44 -5.64 30.68 -26.82
N ARG B 45 -6.51 31.17 -27.72
CA ARG B 45 -7.23 32.47 -27.54
C ARG B 45 -7.99 32.43 -26.21
N LEU B 46 -8.73 31.35 -25.97
CA LEU B 46 -9.49 31.08 -24.72
C LEU B 46 -8.53 31.12 -23.51
N ILE B 47 -7.47 30.31 -23.54
CA ILE B 47 -6.52 30.13 -22.41
C ILE B 47 -5.85 31.48 -22.09
N GLN B 48 -5.42 32.22 -23.12
CA GLN B 48 -4.80 33.56 -22.99
C GLN B 48 -5.76 34.48 -22.21
N ARG B 49 -7.04 34.49 -22.60
CA ARG B 49 -8.11 35.31 -21.98
C ARG B 49 -8.29 34.90 -20.51
N ILE B 50 -8.40 33.60 -20.25
CA ILE B 50 -8.62 33.02 -18.88
C ILE B 50 -7.43 33.42 -17.99
N THR B 51 -6.21 33.30 -18.51
CA THR B 51 -4.93 33.49 -17.75
C THR B 51 -4.66 34.99 -17.53
N ASP B 52 -5.33 35.87 -18.27
CA ASP B 52 -5.22 37.35 -18.10
C ASP B 52 -5.76 37.76 -16.71
N ARG B 53 -6.56 36.91 -16.07
CA ARG B 53 -7.14 37.17 -14.73
C ARG B 53 -6.17 36.73 -13.62
N LEU B 54 -5.02 36.12 -13.98
CA LEU B 54 -3.98 35.71 -13.00
C LEU B 54 -3.34 36.96 -12.41
N PRO B 55 -2.90 36.93 -11.13
CA PRO B 55 -2.33 38.11 -10.47
C PRO B 55 -1.23 38.83 -11.27
N ALA B 56 -0.40 38.06 -11.98
CA ALA B 56 0.71 38.56 -12.83
C ALA B 56 0.57 37.98 -14.24
N LYS B 57 1.02 38.72 -15.27
CA LYS B 57 1.01 38.25 -16.67
C LYS B 57 2.17 37.24 -16.83
N ALA B 58 1.94 36.17 -17.60
CA ALA B 58 2.89 35.06 -17.82
C ALA B 58 2.89 34.68 -19.30
N PRO B 59 4.07 34.43 -19.92
CA PRO B 59 4.12 33.95 -21.30
C PRO B 59 3.36 32.62 -21.44
N LEU B 60 2.50 32.52 -22.46
CA LEU B 60 1.71 31.29 -22.79
C LEU B 60 2.30 30.64 -24.03
N LEU B 61 2.80 29.40 -23.90
CA LEU B 61 3.34 28.58 -25.01
C LEU B 61 2.31 27.50 -25.37
N GLU B 62 2.21 27.13 -26.64
CA GLU B 62 1.32 26.03 -27.12
C GLU B 62 2.02 24.70 -26.84
N LEU B 63 1.36 23.78 -26.12
CA LEU B 63 1.84 22.40 -25.90
C LEU B 63 0.69 21.40 -26.00
N ASP B 64 0.63 20.68 -27.12
CA ASP B 64 -0.09 19.39 -27.28
C ASP B 64 0.92 18.27 -27.00
N VAL B 65 0.72 17.52 -25.93
CA VAL B 65 1.68 16.48 -25.44
C VAL B 65 1.68 15.27 -26.38
N GLN B 66 0.73 15.20 -27.32
CA GLN B 66 0.67 14.14 -28.37
C GLN B 66 1.46 14.58 -29.61
N ASN B 67 1.88 15.85 -29.66
CA ASN B 67 2.61 16.46 -30.80
C ASN B 67 4.12 16.38 -30.51
N GLU B 68 4.84 15.51 -31.23
CA GLU B 68 6.29 15.26 -31.05
C GLU B 68 7.08 16.54 -31.34
N GLU B 69 6.63 17.35 -32.32
CA GLU B 69 7.27 18.63 -32.72
C GLU B 69 7.15 19.65 -31.56
N HIS B 70 5.98 19.72 -30.92
CA HIS B 70 5.69 20.63 -29.76
C HIS B 70 6.67 20.33 -28.63
N LEU B 71 6.88 19.05 -28.30
CA LEU B 71 7.75 18.58 -27.20
C LEU B 71 9.23 18.82 -27.57
N ALA B 72 9.59 18.54 -28.82
CA ALA B 72 10.97 18.70 -29.37
C ALA B 72 11.40 20.16 -29.25
N SER B 73 10.50 21.09 -29.56
CA SER B 73 10.76 22.55 -29.63
C SER B 73 10.56 23.23 -28.25
N LEU B 74 9.92 22.54 -27.31
CA LEU B 74 9.40 23.15 -26.04
C LEU B 74 10.52 23.86 -25.27
N ALA B 75 11.62 23.16 -24.98
CA ALA B 75 12.76 23.66 -24.18
C ALA B 75 13.27 24.98 -24.76
N GLY B 76 13.48 25.04 -26.09
CA GLY B 76 13.89 26.25 -26.81
C GLY B 76 12.91 27.39 -26.59
N ARG B 77 11.62 27.14 -26.81
CA ARG B 77 10.51 28.13 -26.68
C ARG B 77 10.42 28.62 -25.22
N VAL B 78 10.65 27.74 -24.24
CA VAL B 78 10.63 28.09 -22.79
C VAL B 78 11.84 29.00 -22.49
N THR B 79 13.03 28.63 -22.99
CA THR B 79 14.30 29.39 -22.82
C THR B 79 14.13 30.81 -23.41
N GLU B 80 13.50 30.90 -24.59
CA GLU B 80 13.19 32.18 -25.28
C GLU B 80 12.34 33.07 -24.37
N ALA B 81 11.34 32.47 -23.69
CA ALA B 81 10.35 33.18 -22.84
C ALA B 81 11.00 33.68 -21.54
N ILE B 82 11.85 32.85 -20.90
CA ILE B 82 12.44 33.12 -19.57
C ILE B 82 13.85 33.74 -19.73
N GLY B 83 14.41 33.74 -20.94
CA GLY B 83 15.70 34.39 -21.27
C GLY B 83 16.86 33.41 -21.24
N ALA B 84 17.86 33.62 -22.08
CA ALA B 84 19.07 32.78 -22.23
C ALA B 84 19.84 32.75 -20.90
N GLY B 85 20.37 31.58 -20.52
CA GLY B 85 21.15 31.39 -19.28
C GLY B 85 20.26 31.26 -18.05
N ASN B 86 18.94 31.34 -18.23
CA ASN B 86 17.93 31.11 -17.17
C ASN B 86 17.30 29.73 -17.38
N LYS B 87 17.05 29.00 -16.29
CA LYS B 87 16.49 27.62 -16.30
C LYS B 87 15.21 27.59 -15.46
N LEU B 88 14.42 26.51 -15.60
CA LEU B 88 13.20 26.26 -14.80
C LEU B 88 13.60 25.70 -13.43
N ASP B 89 12.92 26.16 -12.37
CA ASP B 89 13.02 25.61 -10.99
C ASP B 89 11.83 24.68 -10.71
N GLY B 90 10.77 24.77 -11.52
CA GLY B 90 9.52 24.02 -11.31
C GLY B 90 8.83 23.66 -12.61
N VAL B 91 8.11 22.54 -12.61
CA VAL B 91 7.26 22.06 -13.75
C VAL B 91 6.00 21.44 -13.15
N VAL B 92 4.82 21.98 -13.50
CA VAL B 92 3.51 21.42 -13.09
C VAL B 92 2.86 20.73 -14.30
N HIS B 93 2.72 19.40 -14.21
CA HIS B 93 1.89 18.58 -15.12
C HIS B 93 0.47 18.52 -14.53
N SER B 94 -0.48 19.24 -15.14
CA SER B 94 -1.91 19.26 -14.78
C SER B 94 -2.74 18.89 -16.01
N ILE B 95 -2.31 17.82 -16.70
CA ILE B 95 -2.87 17.37 -18.00
C ILE B 95 -3.53 16.00 -17.80
N GLY B 96 -4.78 15.86 -18.22
CA GLY B 96 -5.55 14.61 -18.12
C GLY B 96 -6.68 14.58 -19.12
N PHE B 97 -6.83 13.47 -19.84
CA PHE B 97 -7.96 13.22 -20.78
C PHE B 97 -8.19 11.72 -20.91
N MET B 98 -9.46 11.34 -21.07
CA MET B 98 -9.89 9.96 -21.44
C MET B 98 -11.16 10.09 -22.27
N PRO B 99 -11.17 9.61 -23.54
CA PRO B 99 -12.37 9.62 -24.36
C PRO B 99 -13.60 9.10 -23.60
N GLN B 100 -14.79 9.61 -23.95
CA GLN B 100 -16.08 9.28 -23.29
C GLN B 100 -16.24 7.77 -23.15
N THR B 101 -15.81 7.00 -24.16
CA THR B 101 -15.91 5.52 -24.23
C THR B 101 -15.18 4.88 -23.04
N GLY B 102 -14.12 5.50 -22.55
CA GLY B 102 -13.29 5.00 -21.44
C GLY B 102 -13.83 5.38 -20.07
N MET B 103 -14.98 6.05 -20.01
CA MET B 103 -15.57 6.56 -18.74
C MET B 103 -17.09 6.37 -18.73
N GLY B 104 -17.73 6.67 -17.59
CA GLY B 104 -19.19 6.78 -17.43
C GLY B 104 -19.90 5.44 -17.53
N ILE B 105 -21.17 5.46 -17.99
CA ILE B 105 -22.04 4.27 -18.11
C ILE B 105 -21.63 3.46 -19.35
N ASN B 106 -20.83 4.06 -20.24
CA ASN B 106 -20.13 3.36 -21.34
C ASN B 106 -19.39 2.16 -20.71
N PRO B 107 -19.84 0.91 -20.95
CA PRO B 107 -19.27 -0.25 -20.25
C PRO B 107 -17.74 -0.31 -20.34
N PHE B 108 -17.09 -0.66 -19.23
CA PHE B 108 -15.60 -0.75 -19.09
C PHE B 108 -15.02 -1.54 -20.27
N PHE B 109 -15.61 -2.71 -20.58
CA PHE B 109 -15.11 -3.65 -21.61
C PHE B 109 -15.31 -3.09 -23.03
N ASP B 110 -16.24 -2.16 -23.21
CA ASP B 110 -16.64 -1.64 -24.55
C ASP B 110 -15.71 -0.50 -25.00
N ALA B 111 -14.82 -0.01 -24.12
CA ALA B 111 -13.82 1.04 -24.44
C ALA B 111 -12.78 0.45 -25.40
N PRO B 112 -12.73 0.89 -26.68
CA PRO B 112 -11.76 0.37 -27.63
C PRO B 112 -10.36 0.89 -27.27
N TYR B 113 -9.31 0.08 -27.48
CA TYR B 113 -7.94 0.38 -26.98
C TYR B 113 -7.41 1.69 -27.58
N ALA B 114 -7.73 1.96 -28.85
CA ALA B 114 -7.35 3.21 -29.57
C ALA B 114 -7.70 4.42 -28.69
N ASP B 115 -8.86 4.39 -28.03
CA ASP B 115 -9.38 5.48 -27.15
C ASP B 115 -8.62 5.46 -25.81
N VAL B 116 -8.45 4.28 -25.22
CA VAL B 116 -7.70 4.07 -23.94
C VAL B 116 -6.26 4.55 -24.14
N SER B 117 -5.62 4.13 -25.24
CA SER B 117 -4.23 4.51 -25.62
C SER B 117 -4.10 6.03 -25.68
N LYS B 118 -5.02 6.69 -26.38
CA LYS B 118 -5.08 8.19 -26.47
C LYS B 118 -5.12 8.76 -25.05
N GLY B 119 -5.96 8.17 -24.19
CA GLY B 119 -6.12 8.59 -22.78
C GLY B 119 -4.85 8.40 -21.97
N ILE B 120 -4.24 7.21 -22.07
CA ILE B 120 -2.96 6.86 -21.36
C ILE B 120 -1.84 7.76 -21.89
N HIS B 121 -1.80 8.02 -23.20
CA HIS B 121 -0.83 8.95 -23.85
C HIS B 121 -0.87 10.31 -23.14
N ILE B 122 -2.04 10.94 -23.10
CA ILE B 122 -2.23 12.34 -22.60
C ILE B 122 -2.08 12.35 -21.07
N SER B 123 -2.57 11.32 -20.37
CA SER B 123 -2.76 11.32 -18.89
C SER B 123 -1.53 10.76 -18.15
N ALA B 124 -0.81 9.80 -18.76
CA ALA B 124 0.27 9.04 -18.09
C ALA B 124 1.63 9.28 -18.78
N TYR B 125 1.75 8.89 -20.05
CA TYR B 125 3.01 8.95 -20.83
C TYR B 125 3.49 10.41 -20.93
N SER B 126 2.57 11.36 -21.08
CA SER B 126 2.83 12.81 -21.26
C SER B 126 3.67 13.35 -20.10
N TYR B 127 3.57 12.76 -18.90
CA TYR B 127 4.35 13.16 -17.70
C TYR B 127 5.83 12.86 -17.91
N ALA B 128 6.14 11.73 -18.57
CA ALA B 128 7.52 11.32 -18.91
C ALA B 128 8.07 12.22 -20.02
N SER B 129 7.29 12.45 -21.08
CA SER B 129 7.70 13.23 -22.28
C SER B 129 7.91 14.70 -21.90
N MET B 130 7.10 15.23 -20.98
CA MET B 130 7.27 16.61 -20.44
C MET B 130 8.58 16.68 -19.65
N ALA B 131 8.84 15.68 -18.79
CA ALA B 131 10.07 15.57 -17.96
C ALA B 131 11.30 15.51 -18.88
N LYS B 132 11.25 14.73 -19.95
CA LYS B 132 12.35 14.56 -20.94
C LYS B 132 12.69 15.92 -21.56
N ALA B 133 11.67 16.61 -22.09
CA ALA B 133 11.78 17.90 -22.79
C ALA B 133 12.37 18.98 -21.86
N LEU B 134 11.99 18.97 -20.57
CA LEU B 134 12.19 20.13 -19.66
C LEU B 134 13.34 19.90 -18.67
N LEU B 135 13.73 18.66 -18.38
CA LEU B 135 14.81 18.38 -17.39
C LEU B 135 16.13 19.00 -17.85
N PRO B 136 16.51 18.90 -19.15
CA PRO B 136 17.70 19.60 -19.66
C PRO B 136 17.75 21.11 -19.36
N ILE B 137 16.60 21.77 -19.15
CA ILE B 137 16.53 23.23 -18.82
C ILE B 137 15.95 23.40 -17.41
N MET B 138 16.29 22.51 -16.46
CA MET B 138 15.86 22.59 -15.05
C MET B 138 17.08 22.68 -14.12
N ASN B 139 17.03 23.57 -13.13
CA ASN B 139 18.11 23.82 -12.15
C ASN B 139 18.17 22.68 -11.14
N PRO B 140 19.36 22.35 -10.58
CA PRO B 140 19.43 21.54 -9.36
C PRO B 140 18.54 22.09 -8.25
N GLY B 141 17.97 21.21 -7.43
CA GLY B 141 16.97 21.54 -6.39
C GLY B 141 15.60 21.78 -6.99
N GLY B 142 15.43 21.48 -8.29
CA GLY B 142 14.17 21.67 -9.03
C GLY B 142 13.09 20.68 -8.60
N SER B 143 11.86 20.88 -9.06
CA SER B 143 10.66 20.09 -8.67
C SER B 143 9.72 19.92 -9.86
N ILE B 144 9.38 18.68 -10.22
CA ILE B 144 8.30 18.33 -11.19
C ILE B 144 7.12 17.76 -10.41
N VAL B 145 5.91 18.23 -10.68
CA VAL B 145 4.66 17.84 -9.95
C VAL B 145 3.57 17.51 -10.98
N GLY B 146 2.96 16.33 -10.84
CA GLY B 146 1.83 15.86 -11.66
C GLY B 146 0.56 15.77 -10.83
N MET B 147 -0.60 15.96 -11.46
CA MET B 147 -1.91 15.85 -10.79
C MET B 147 -2.41 14.40 -10.89
N ASP B 148 -2.77 13.81 -9.75
CA ASP B 148 -3.15 12.38 -9.61
C ASP B 148 -4.52 12.28 -8.95
N PHE B 149 -5.25 11.20 -9.25
CA PHE B 149 -6.49 10.78 -8.55
C PHE B 149 -6.29 9.33 -8.09
N ASP B 150 -6.20 9.12 -6.77
CA ASP B 150 -5.87 7.82 -6.12
C ASP B 150 -6.56 6.68 -6.86
N PRO B 151 -5.82 5.88 -7.67
CA PRO B 151 -6.39 4.72 -8.35
C PRO B 151 -6.07 3.37 -7.70
N SER B 152 -5.60 3.38 -6.43
CA SER B 152 -5.21 2.18 -5.65
CA SER B 152 -5.21 2.18 -5.66
C SER B 152 -6.37 1.20 -5.58
N ARG B 153 -7.60 1.71 -5.68
CA ARG B 153 -8.86 0.91 -5.65
CA ARG B 153 -8.85 0.90 -5.66
C ARG B 153 -9.77 1.34 -6.80
N ALA B 154 -10.45 0.39 -7.43
CA ALA B 154 -11.40 0.63 -8.54
C ALA B 154 -12.60 1.38 -7.98
N MET B 155 -13.21 2.23 -8.81
CA MET B 155 -14.43 3.02 -8.47
C MET B 155 -15.28 3.17 -9.72
N PRO B 156 -16.61 3.36 -9.56
CA PRO B 156 -17.49 3.49 -10.72
C PRO B 156 -17.16 4.73 -11.58
N ALA B 157 -17.41 4.64 -12.88
CA ALA B 157 -17.47 5.77 -13.85
C ALA B 157 -16.06 6.24 -14.26
N TYR B 158 -15.13 6.39 -13.33
CA TYR B 158 -13.73 6.83 -13.60
C TYR B 158 -13.04 5.82 -14.52
N ASN B 159 -13.35 4.53 -14.34
CA ASN B 159 -13.06 3.43 -15.31
C ASN B 159 -11.60 3.51 -15.79
N TRP B 160 -11.39 3.80 -17.07
CA TRP B 160 -10.05 3.73 -17.73
C TRP B 160 -9.20 4.95 -17.35
N MET B 161 -9.82 6.02 -16.86
CA MET B 161 -9.07 7.20 -16.32
C MET B 161 -8.33 6.74 -15.05
N THR B 162 -8.95 5.87 -14.24
CA THR B 162 -8.33 5.27 -13.03
C THR B 162 -7.12 4.42 -13.45
N VAL B 163 -7.26 3.61 -14.49
CA VAL B 163 -6.15 2.80 -15.08
C VAL B 163 -5.04 3.74 -15.54
N ALA B 164 -5.40 4.85 -16.19
CA ALA B 164 -4.47 5.88 -16.69
C ALA B 164 -3.70 6.50 -15.52
N LYS B 165 -4.38 6.75 -14.40
CA LYS B 165 -3.78 7.31 -13.16
C LYS B 165 -2.83 6.29 -12.52
N SER B 166 -3.19 5.00 -12.53
CA SER B 166 -2.32 3.89 -12.06
C SER B 166 -1.03 3.88 -12.87
N ALA B 167 -1.13 4.07 -14.19
CA ALA B 167 0.03 4.14 -15.12
C ALA B 167 0.88 5.37 -14.78
N LEU B 168 0.24 6.51 -14.51
CA LEU B 168 0.90 7.81 -14.17
C LEU B 168 1.75 7.64 -12.91
N GLU B 169 1.17 7.07 -11.85
CA GLU B 169 1.85 6.80 -10.55
C GLU B 169 3.14 6.01 -10.81
N SER B 170 3.06 5.00 -11.68
CA SER B 170 4.22 4.13 -12.04
C SER B 170 5.26 4.95 -12.81
N VAL B 171 4.82 5.74 -13.80
CA VAL B 171 5.70 6.63 -14.64
C VAL B 171 6.44 7.61 -13.72
N ASN B 172 5.73 8.21 -12.76
CA ASN B 172 6.30 9.20 -11.80
C ASN B 172 7.53 8.62 -11.10
N ARG B 173 7.47 7.36 -10.67
CA ARG B 173 8.56 6.67 -9.93
C ARG B 173 9.79 6.51 -10.84
N PHE B 174 9.58 6.36 -12.15
CA PHE B 174 10.66 6.22 -13.17
C PHE B 174 11.20 7.60 -13.57
N VAL B 175 10.31 8.58 -13.72
CA VAL B 175 10.69 10.00 -13.98
C VAL B 175 11.64 10.45 -12.86
N ALA B 176 11.32 10.10 -11.61
CA ALA B 176 12.09 10.43 -10.40
C ALA B 176 13.53 9.90 -10.53
N ARG B 177 13.70 8.69 -11.06
CA ARG B 177 15.04 8.08 -11.33
C ARG B 177 15.85 9.01 -12.23
N GLU B 178 15.26 9.49 -13.31
CA GLU B 178 15.91 10.35 -14.33
C GLU B 178 16.11 11.75 -13.75
N ALA B 179 15.06 12.32 -13.13
CA ALA B 179 15.06 13.65 -12.48
C ALA B 179 16.18 13.72 -11.43
N GLY B 180 16.43 12.63 -10.71
CA GLY B 180 17.46 12.53 -9.67
C GLY B 180 18.84 12.93 -10.17
N LYS B 181 19.18 12.55 -11.41
CA LYS B 181 20.49 12.84 -12.05
C LYS B 181 20.69 14.36 -12.17
N TYR B 182 19.61 15.11 -12.41
CA TYR B 182 19.59 16.59 -12.55
C TYR B 182 19.43 17.28 -11.19
N GLY B 183 19.39 16.51 -10.10
CA GLY B 183 19.11 17.02 -8.73
C GLY B 183 17.68 17.48 -8.58
N VAL B 184 16.78 16.98 -9.46
CA VAL B 184 15.36 17.41 -9.58
C VAL B 184 14.47 16.35 -8.92
N ARG B 185 13.48 16.78 -8.14
CA ARG B 185 12.45 15.91 -7.51
C ARG B 185 11.28 15.74 -8.49
N SER B 186 10.62 14.58 -8.46
CA SER B 186 9.39 14.27 -9.23
C SER B 186 8.37 13.62 -8.30
N ASN B 187 7.17 14.21 -8.19
CA ASN B 187 6.11 13.78 -7.25
C ASN B 187 4.74 14.06 -7.87
N LEU B 188 3.71 13.33 -7.43
CA LEU B 188 2.31 13.58 -7.80
C LEU B 188 1.56 14.09 -6.56
N VAL B 189 0.62 15.00 -6.77
CA VAL B 189 -0.43 15.37 -5.76
C VAL B 189 -1.70 14.58 -6.12
N ALA B 190 -2.09 13.65 -5.23
CA ALA B 190 -3.37 12.91 -5.30
C ALA B 190 -4.47 13.80 -4.69
N ALA B 191 -5.14 14.59 -5.52
CA ALA B 191 -6.21 15.52 -5.11
C ALA B 191 -7.52 14.74 -4.93
N GLY B 192 -8.37 15.19 -4.01
CA GLY B 192 -9.78 14.76 -3.91
C GLY B 192 -10.59 15.31 -5.08
N PRO B 193 -11.87 14.93 -5.24
CA PRO B 193 -12.68 15.40 -6.36
C PRO B 193 -12.85 16.93 -6.36
N ILE B 194 -12.58 17.58 -7.49
CA ILE B 194 -12.73 19.06 -7.67
C ILE B 194 -13.78 19.32 -8.73
N ARG B 195 -14.75 20.20 -8.44
CA ARG B 195 -15.85 20.57 -9.36
C ARG B 195 -15.31 21.48 -10.47
N THR B 196 -14.61 20.90 -11.44
CA THR B 196 -14.28 21.53 -12.75
C THR B 196 -15.54 21.56 -13.60
N LEU B 197 -15.47 22.09 -14.83
CA LEU B 197 -16.56 21.99 -15.82
C LEU B 197 -16.88 20.51 -16.04
N ALA B 198 -15.85 19.72 -16.35
CA ALA B 198 -15.94 18.27 -16.68
C ALA B 198 -16.67 17.52 -15.57
N MET B 199 -16.29 17.73 -14.30
CA MET B 199 -16.92 17.02 -13.15
CA MET B 199 -16.90 17.06 -13.13
C MET B 199 -18.39 17.45 -13.05
N SER B 200 -18.66 18.75 -13.03
CA SER B 200 -20.03 19.33 -12.95
C SER B 200 -20.90 18.71 -14.05
N ALA B 201 -20.38 18.64 -15.28
CA ALA B 201 -21.04 17.99 -16.45
C ALA B 201 -21.34 16.52 -16.12
N ILE B 202 -20.35 15.79 -15.60
CA ILE B 202 -20.47 14.34 -15.25
C ILE B 202 -21.55 14.16 -14.17
N VAL B 203 -21.53 15.00 -13.12
CA VAL B 203 -22.55 15.01 -12.03
C VAL B 203 -23.92 15.33 -12.64
N GLY B 204 -23.95 16.20 -13.66
CA GLY B 204 -25.16 16.58 -14.40
C GLY B 204 -25.67 15.47 -15.32
N GLY B 205 -24.92 14.38 -15.44
CA GLY B 205 -25.32 13.16 -16.19
C GLY B 205 -24.79 13.16 -17.61
N ALA B 206 -23.71 13.91 -17.89
CA ALA B 206 -23.13 14.11 -19.23
C ALA B 206 -22.61 12.77 -19.77
N LEU B 207 -22.15 11.87 -18.90
CA LEU B 207 -21.68 10.50 -19.27
C LEU B 207 -22.65 9.45 -18.69
N GLY B 208 -23.95 9.74 -18.72
CA GLY B 208 -25.02 8.82 -18.28
C GLY B 208 -25.44 9.11 -16.85
N GLU B 209 -26.65 8.68 -16.49
CA GLU B 209 -27.33 9.06 -15.21
C GLU B 209 -26.64 8.37 -14.03
N GLU B 210 -26.47 7.04 -14.09
CA GLU B 210 -25.89 6.25 -12.96
CA GLU B 210 -25.88 6.23 -12.99
C GLU B 210 -24.45 6.70 -12.72
N ALA B 211 -23.72 7.04 -13.79
CA ALA B 211 -22.32 7.56 -13.71
C ALA B 211 -22.30 8.83 -12.85
N GLY B 212 -23.17 9.79 -13.18
CA GLY B 212 -23.34 11.04 -12.41
C GLY B 212 -23.78 10.77 -10.99
N ALA B 213 -24.68 9.79 -10.79
CA ALA B 213 -25.21 9.37 -9.47
C ALA B 213 -24.08 8.80 -8.61
N GLN B 214 -23.25 7.92 -9.19
CA GLN B 214 -22.15 7.24 -8.48
CA GLN B 214 -22.13 7.24 -8.51
C GLN B 214 -21.08 8.27 -8.10
N ILE B 215 -20.78 9.22 -9.00
CA ILE B 215 -19.75 10.29 -8.76
C ILE B 215 -20.27 11.26 -7.69
N GLN B 216 -21.57 11.53 -7.65
CA GLN B 216 -22.19 12.40 -6.61
C GLN B 216 -22.10 11.70 -5.24
N LEU B 217 -22.34 10.38 -5.21
CA LEU B 217 -22.20 9.54 -3.99
C LEU B 217 -20.74 9.49 -3.56
N LEU B 218 -19.82 9.48 -4.52
CA LEU B 218 -18.34 9.43 -4.26
C LEU B 218 -17.91 10.74 -3.58
N GLU B 219 -18.32 11.89 -4.14
CA GLU B 219 -18.07 13.24 -3.56
C GLU B 219 -18.50 13.27 -2.09
N GLU B 220 -19.76 12.92 -1.83
CA GLU B 220 -20.41 13.02 -0.50
C GLU B 220 -19.69 12.09 0.48
N GLY B 221 -19.35 10.88 0.06
CA GLY B 221 -18.57 9.91 0.84
C GLY B 221 -17.18 10.45 1.17
N TRP B 222 -16.60 11.21 0.24
CA TRP B 222 -15.23 11.79 0.36
C TRP B 222 -15.18 12.80 1.52
N ASP B 223 -16.14 13.74 1.56
CA ASP B 223 -16.27 14.76 2.63
C ASP B 223 -16.53 14.07 3.96
N GLN B 224 -17.44 13.08 3.99
CA GLN B 224 -17.80 12.28 5.19
C GLN B 224 -16.54 11.65 5.79
N ARG B 225 -15.75 10.95 4.96
CA ARG B 225 -14.54 10.20 5.37
C ARG B 225 -13.44 11.16 5.86
N ALA B 226 -13.18 12.23 5.09
CA ALA B 226 -12.11 13.22 5.33
C ALA B 226 -12.22 13.78 6.74
N PRO B 227 -11.29 13.44 7.67
CA PRO B 227 -11.34 13.97 9.04
C PRO B 227 -11.37 15.49 9.15
N ILE B 228 -10.79 16.21 8.18
CA ILE B 228 -10.79 17.70 8.12
C ILE B 228 -11.79 18.16 7.05
N GLY B 229 -12.75 17.30 6.70
CA GLY B 229 -13.74 17.55 5.63
C GLY B 229 -13.08 17.67 4.27
N TRP B 230 -13.90 17.81 3.22
CA TRP B 230 -13.42 18.04 1.82
C TRP B 230 -14.41 18.95 1.09
N ASN B 231 -13.93 20.10 0.61
CA ASN B 231 -14.71 21.08 -0.20
C ASN B 231 -14.29 20.92 -1.67
N MET B 232 -15.13 20.23 -2.47
CA MET B 232 -14.88 19.95 -3.91
C MET B 232 -14.92 21.24 -4.73
N LYS B 233 -15.56 22.30 -4.21
CA LYS B 233 -15.69 23.61 -4.90
C LYS B 233 -14.48 24.51 -4.61
N ASP B 234 -13.52 24.03 -3.80
CA ASP B 234 -12.33 24.80 -3.35
C ASP B 234 -11.07 24.03 -3.75
N ALA B 235 -10.40 24.47 -4.82
CA ALA B 235 -9.17 23.88 -5.38
C ALA B 235 -7.92 24.45 -4.68
N THR B 236 -8.09 25.46 -3.82
CA THR B 236 -6.97 26.19 -3.15
C THR B 236 -6.13 25.23 -2.32
N PRO B 237 -6.72 24.33 -1.50
CA PRO B 237 -5.93 23.36 -0.72
C PRO B 237 -5.06 22.46 -1.60
N VAL B 238 -5.55 22.08 -2.79
CA VAL B 238 -4.79 21.28 -3.80
C VAL B 238 -3.63 22.14 -4.32
N ALA B 239 -3.94 23.36 -4.76
CA ALA B 239 -2.98 24.34 -5.35
C ALA B 239 -1.84 24.59 -4.37
N LYS B 240 -2.15 24.79 -3.09
CA LYS B 240 -1.15 25.08 -2.02
C LYS B 240 -0.24 23.87 -1.82
N THR B 241 -0.79 22.65 -1.94
CA THR B 241 -0.04 21.36 -1.82
C THR B 241 0.95 21.22 -2.98
N VAL B 242 0.54 21.56 -4.21
CA VAL B 242 1.42 21.52 -5.42
C VAL B 242 2.59 22.49 -5.17
N CYS B 243 2.30 23.69 -4.66
CA CYS B 243 3.28 24.75 -4.35
C CYS B 243 4.25 24.28 -3.26
N ALA B 244 3.77 23.52 -2.28
CA ALA B 244 4.59 22.91 -1.21
C ALA B 244 5.67 22.01 -1.84
N LEU B 245 5.29 21.19 -2.82
CA LEU B 245 6.20 20.26 -3.54
C LEU B 245 7.13 21.06 -4.47
N LEU B 246 6.64 22.16 -5.05
CA LEU B 246 7.44 23.07 -5.92
C LEU B 246 8.46 23.84 -5.07
N SER B 247 8.18 24.02 -3.78
CA SER B 247 9.03 24.77 -2.82
C SER B 247 10.28 23.95 -2.47
N ASP B 248 11.07 24.44 -1.51
CA ASP B 248 12.32 23.78 -1.01
C ASP B 248 12.02 23.03 0.29
N TRP B 249 10.74 22.88 0.66
CA TRP B 249 10.31 22.46 2.02
C TRP B 249 9.89 20.98 2.03
N LEU B 250 9.97 20.30 0.89
CA LEU B 250 9.90 18.81 0.79
C LEU B 250 11.09 18.32 -0.04
N PRO B 251 12.33 18.59 0.41
CA PRO B 251 13.53 18.33 -0.41
C PRO B 251 14.02 16.87 -0.42
N ALA B 252 13.41 16.00 0.40
CA ALA B 252 13.76 14.57 0.54
C ALA B 252 12.62 13.68 0.06
N THR B 253 11.66 14.25 -0.69
CA THR B 253 10.48 13.53 -1.25
C THR B 253 10.56 13.52 -2.77
N THR B 254 10.60 12.33 -3.37
CA THR B 254 10.64 12.12 -4.85
C THR B 254 10.10 10.74 -5.20
N GLY B 255 9.61 10.58 -6.44
CA GLY B 255 8.93 9.37 -6.93
C GLY B 255 7.71 9.04 -6.08
N ASP B 256 7.17 10.04 -5.37
CA ASP B 256 6.21 9.84 -4.26
C ASP B 256 4.87 10.48 -4.63
N ILE B 257 3.89 10.36 -3.74
CA ILE B 257 2.50 10.89 -3.91
C ILE B 257 2.11 11.61 -2.61
N ILE B 258 1.82 12.91 -2.69
CA ILE B 258 1.23 13.71 -1.58
C ILE B 258 -0.28 13.72 -1.80
N TYR B 259 -1.05 13.34 -0.77
CA TYR B 259 -2.53 13.23 -0.82
C TYR B 259 -3.14 14.53 -0.28
N ALA B 260 -3.63 15.38 -1.19
CA ALA B 260 -4.41 16.60 -0.90
C ALA B 260 -5.90 16.26 -1.04
N ASP B 261 -6.42 15.43 -0.13
CA ASP B 261 -7.76 14.79 -0.24
C ASP B 261 -8.54 14.94 1.07
N GLY B 262 -8.12 15.84 1.96
CA GLY B 262 -8.70 16.01 3.31
C GLY B 262 -8.44 14.80 4.19
N GLY B 263 -7.52 13.92 3.80
CA GLY B 263 -7.18 12.67 4.50
C GLY B 263 -8.23 11.58 4.29
N ALA B 264 -9.04 11.69 3.23
CA ALA B 264 -10.14 10.76 2.90
C ALA B 264 -9.58 9.34 2.64
N HIS B 265 -8.39 9.23 2.05
CA HIS B 265 -7.79 7.94 1.61
C HIS B 265 -7.29 7.15 2.83
N THR B 266 -7.20 7.79 4.00
CA THR B 266 -6.66 7.19 5.26
C THR B 266 -7.80 6.63 6.12
N GLN B 267 -9.05 6.74 5.66
CA GLN B 267 -10.27 6.38 6.44
C GLN B 267 -11.16 5.46 5.58
N LEU B 268 -11.85 4.52 6.22
CA LEU B 268 -12.76 3.55 5.55
C LEU B 268 -14.21 4.02 5.73
N LEU B 269 -14.66 4.15 6.98
CA LEU B 269 -16.05 4.53 7.40
C LEU B 269 -17.06 3.48 6.93
N GLY C 3 -7.73 -34.25 -6.84
CA GLY C 3 -7.39 -33.20 -7.83
C GLY C 3 -7.98 -31.85 -7.44
N LEU C 4 -7.12 -30.85 -7.21
CA LEU C 4 -7.50 -29.48 -6.78
C LEU C 4 -8.53 -28.89 -7.76
N LEU C 5 -8.34 -29.14 -9.07
CA LEU C 5 -9.16 -28.56 -10.16
C LEU C 5 -9.90 -29.68 -10.90
N ASP C 6 -10.37 -30.69 -10.17
CA ASP C 6 -11.01 -31.91 -10.73
C ASP C 6 -12.31 -31.53 -11.45
N GLY C 7 -12.37 -31.74 -12.77
CA GLY C 7 -13.57 -31.53 -13.60
C GLY C 7 -13.69 -30.09 -14.09
N LYS C 8 -12.87 -29.17 -13.58
CA LYS C 8 -12.89 -27.74 -13.96
C LYS C 8 -12.36 -27.59 -15.39
N ARG C 9 -13.06 -26.81 -16.22
CA ARG C 9 -12.64 -26.46 -17.61
C ARG C 9 -11.93 -25.10 -17.58
N ILE C 10 -10.66 -25.05 -17.98
CA ILE C 10 -9.77 -23.86 -17.77
C ILE C 10 -9.05 -23.51 -19.08
N LEU C 11 -9.27 -22.31 -19.60
CA LEU C 11 -8.47 -21.73 -20.71
C LEU C 11 -7.15 -21.24 -20.14
N VAL C 12 -6.02 -21.56 -20.81
CA VAL C 12 -4.66 -21.14 -20.40
C VAL C 12 -3.95 -20.54 -21.62
N SER C 13 -3.65 -19.24 -21.56
CA SER C 13 -2.92 -18.47 -22.60
C SER C 13 -1.43 -18.41 -22.24
N GLY C 14 -0.59 -18.02 -23.21
CA GLY C 14 0.76 -17.50 -22.96
C GLY C 14 1.85 -18.55 -22.95
N ILE C 15 1.57 -19.80 -23.38
CA ILE C 15 2.63 -20.82 -23.64
C ILE C 15 3.31 -20.45 -24.97
N ILE C 16 4.64 -20.31 -24.96
CA ILE C 16 5.49 -20.13 -26.18
C ILE C 16 6.63 -21.15 -26.16
N THR C 17 7.23 -21.41 -24.99
CA THR C 17 8.25 -22.47 -24.77
C THR C 17 7.89 -23.26 -23.51
N ASP C 18 8.70 -24.25 -23.16
CA ASP C 18 8.53 -25.09 -21.94
C ASP C 18 9.08 -24.35 -20.71
N SER C 19 9.76 -23.21 -20.90
CA SER C 19 10.24 -22.34 -19.80
C SER C 19 9.18 -21.27 -19.48
N SER C 20 8.15 -21.12 -20.33
CA SER C 20 6.96 -20.25 -20.10
C SER C 20 6.32 -20.60 -18.76
N ILE C 21 5.99 -19.59 -17.95
CA ILE C 21 5.21 -19.75 -16.69
C ILE C 21 3.89 -20.46 -17.03
N ALA C 22 3.28 -20.11 -18.17
CA ALA C 22 2.00 -20.65 -18.67
C ALA C 22 2.09 -22.17 -18.86
N PHE C 23 3.22 -22.68 -19.35
CA PHE C 23 3.45 -24.14 -19.56
C PHE C 23 3.35 -24.85 -18.21
N HIS C 24 4.01 -24.29 -17.19
CA HIS C 24 4.06 -24.86 -15.82
C HIS C 24 2.69 -24.73 -15.15
N ILE C 25 1.96 -23.65 -15.40
CA ILE C 25 0.53 -23.47 -14.96
C ILE C 25 -0.30 -24.60 -15.57
N ALA C 26 -0.24 -24.75 -16.89
CA ALA C 26 -0.95 -25.79 -17.68
C ALA C 26 -0.63 -27.17 -17.11
N ARG C 27 0.67 -27.48 -16.93
CA ARG C 27 1.15 -28.78 -16.41
C ARG C 27 0.48 -29.09 -15.08
N VAL C 28 0.66 -28.21 -14.09
CA VAL C 28 0.16 -28.40 -12.69
C VAL C 28 -1.37 -28.48 -12.72
N ALA C 29 -2.02 -27.67 -13.56
CA ALA C 29 -3.50 -27.64 -13.72
C ALA C 29 -4.00 -29.03 -14.12
N GLN C 30 -3.39 -29.62 -15.16
CA GLN C 30 -3.75 -30.95 -15.71
C GLN C 30 -3.49 -32.04 -14.67
N GLU C 31 -2.36 -31.94 -13.94
CA GLU C 31 -1.99 -32.86 -12.84
C GLU C 31 -3.08 -32.88 -11.76
N GLN C 32 -3.82 -31.77 -11.63
CA GLN C 32 -4.90 -31.59 -10.61
C GLN C 32 -6.29 -31.81 -11.22
N GLY C 33 -6.35 -32.41 -12.42
CA GLY C 33 -7.59 -32.95 -13.02
C GLY C 33 -8.38 -31.91 -13.81
N ALA C 34 -7.74 -30.79 -14.18
CA ALA C 34 -8.35 -29.72 -14.99
C ALA C 34 -8.34 -30.14 -16.47
N GLN C 35 -9.47 -29.94 -17.16
CA GLN C 35 -9.59 -30.07 -18.64
C GLN C 35 -9.22 -28.71 -19.26
N LEU C 36 -8.14 -28.66 -20.05
CA LEU C 36 -7.55 -27.39 -20.54
C LEU C 36 -7.96 -27.11 -21.99
N VAL C 37 -8.23 -25.84 -22.28
CA VAL C 37 -8.16 -25.23 -23.63
C VAL C 37 -6.93 -24.30 -23.62
N LEU C 38 -6.02 -24.47 -24.59
CA LEU C 38 -4.81 -23.62 -24.71
C LEU C 38 -5.05 -22.58 -25.81
N THR C 39 -4.58 -21.35 -25.59
CA THR C 39 -4.51 -20.30 -26.63
C THR C 39 -3.03 -19.97 -26.85
N GLY C 40 -2.63 -19.80 -28.12
CA GLY C 40 -1.24 -19.52 -28.53
C GLY C 40 -1.21 -18.38 -29.51
N PHE C 41 -0.10 -17.63 -29.55
CA PHE C 41 0.08 -16.44 -30.41
C PHE C 41 1.21 -16.68 -31.42
N ASP C 42 0.91 -16.44 -32.70
CA ASP C 42 1.88 -16.31 -33.82
C ASP C 42 2.41 -17.68 -34.22
N ARG C 43 3.35 -18.25 -33.45
CA ARG C 43 4.08 -19.50 -33.80
C ARG C 43 3.34 -20.72 -33.26
N LEU C 44 2.25 -21.11 -33.93
CA LEU C 44 1.30 -22.16 -33.45
C LEU C 44 1.90 -23.55 -33.61
N ARG C 45 2.65 -23.80 -34.69
CA ARG C 45 3.36 -25.09 -34.95
C ARG C 45 4.31 -25.36 -33.78
N LEU C 46 5.09 -24.35 -33.38
CA LEU C 46 6.00 -24.39 -32.21
C LEU C 46 5.20 -24.73 -30.94
N ILE C 47 4.19 -23.93 -30.63
CA ILE C 47 3.39 -24.03 -29.37
C ILE C 47 2.75 -25.42 -29.31
N GLN C 48 2.19 -25.90 -30.43
CA GLN C 48 1.56 -27.25 -30.55
C GLN C 48 2.57 -28.32 -30.13
N ARG C 49 3.81 -28.22 -30.64
CA ARG C 49 4.91 -29.16 -30.34
C ARG C 49 5.27 -29.10 -28.85
N ILE C 50 5.44 -27.90 -28.30
CA ILE C 50 5.81 -27.64 -26.88
C ILE C 50 4.75 -28.28 -25.97
N THR C 51 3.47 -28.07 -26.28
CA THR C 51 2.31 -28.45 -25.45
C THR C 51 2.03 -29.96 -25.54
N ASP C 52 2.59 -30.65 -26.54
CA ASP C 52 2.48 -32.13 -26.69
C ASP C 52 3.15 -32.81 -25.49
N ARG C 53 4.08 -32.13 -24.80
CA ARG C 53 4.83 -32.68 -23.63
C ARG C 53 4.00 -32.50 -22.35
N LEU C 54 2.84 -31.85 -22.41
CA LEU C 54 1.91 -31.72 -21.25
C LEU C 54 1.35 -33.10 -20.91
N PRO C 55 1.08 -33.39 -19.61
CA PRO C 55 0.57 -34.70 -19.20
C PRO C 55 -0.60 -35.22 -20.06
N ALA C 56 -1.61 -34.36 -20.30
CA ALA C 56 -2.80 -34.65 -21.13
C ALA C 56 -2.78 -33.77 -22.38
N LYS C 57 -3.38 -34.24 -23.48
CA LYS C 57 -3.50 -33.44 -24.73
C LYS C 57 -4.62 -32.42 -24.54
N ALA C 58 -4.45 -31.22 -25.10
CA ALA C 58 -5.38 -30.07 -24.95
C ALA C 58 -5.57 -29.39 -26.30
N PRO C 59 -6.80 -29.02 -26.68
CA PRO C 59 -7.03 -28.24 -27.91
C PRO C 59 -6.32 -26.88 -27.82
N LEU C 60 -5.60 -26.50 -28.88
CA LEU C 60 -4.85 -25.22 -28.99
C LEU C 60 -5.57 -24.30 -29.98
N LEU C 61 -6.00 -23.13 -29.51
CA LEU C 61 -6.67 -22.08 -30.34
C LEU C 61 -5.70 -20.92 -30.58
N GLU C 62 -5.72 -20.32 -31.77
CA GLU C 62 -4.94 -19.09 -32.08
C GLU C 62 -5.60 -17.91 -31.36
N LEU C 63 -4.83 -17.14 -30.58
CA LEU C 63 -5.28 -15.86 -29.97
C LEU C 63 -4.14 -14.86 -29.98
N ASP C 64 -4.20 -13.90 -30.91
CA ASP C 64 -3.48 -12.60 -30.85
C ASP C 64 -4.42 -11.60 -30.18
N VAL C 65 -4.07 -11.12 -28.99
CA VAL C 65 -4.95 -10.25 -28.14
C VAL C 65 -5.03 -8.85 -28.76
N GLN C 66 -4.20 -8.53 -29.75
CA GLN C 66 -4.24 -7.26 -30.51
C GLN C 66 -5.19 -7.39 -31.71
N ASN C 67 -5.65 -8.62 -32.01
CA ASN C 67 -6.51 -8.94 -33.17
C ASN C 67 -7.97 -8.97 -32.72
N GLU C 68 -8.77 -8.01 -33.18
CA GLU C 68 -10.20 -7.83 -32.79
C GLU C 68 -11.03 -9.06 -33.21
N GLU C 69 -10.75 -9.62 -34.39
CA GLU C 69 -11.47 -10.80 -34.95
C GLU C 69 -11.21 -12.03 -34.08
N HIS C 70 -9.97 -12.21 -33.61
CA HIS C 70 -9.55 -13.35 -32.74
C HIS C 70 -10.37 -13.34 -31.44
N LEU C 71 -10.55 -12.16 -30.84
CA LEU C 71 -11.28 -11.96 -29.56
C LEU C 71 -12.78 -12.13 -29.77
N ALA C 72 -13.31 -11.56 -30.87
CA ALA C 72 -14.74 -11.63 -31.26
C ALA C 72 -15.15 -13.10 -31.45
N SER C 73 -14.28 -13.90 -32.06
CA SER C 73 -14.53 -15.32 -32.43
C SER C 73 -14.20 -16.27 -31.27
N LEU C 74 -13.40 -15.82 -30.29
CA LEU C 74 -12.75 -16.69 -29.26
C LEU C 74 -13.80 -17.58 -28.57
N ALA C 75 -14.81 -16.98 -27.95
CA ALA C 75 -15.87 -17.66 -27.15
C ALA C 75 -16.47 -18.81 -27.96
N GLY C 76 -16.83 -18.54 -29.22
CA GLY C 76 -17.38 -19.56 -30.16
C GLY C 76 -16.42 -20.73 -30.32
N ARG C 77 -15.15 -20.43 -30.63
CA ARG C 77 -14.08 -21.44 -30.88
C ARG C 77 -13.82 -22.26 -29.60
N VAL C 78 -13.93 -21.64 -28.43
CA VAL C 78 -13.74 -22.32 -27.10
C VAL C 78 -14.89 -23.30 -26.89
N THR C 79 -16.13 -22.84 -27.09
CA THR C 79 -17.38 -23.64 -26.96
C THR C 79 -17.30 -24.86 -27.90
N GLU C 80 -16.84 -24.65 -29.13
CA GLU C 80 -16.65 -25.71 -30.15
C GLU C 80 -15.69 -26.79 -29.61
N ALA C 81 -14.66 -26.39 -28.87
CA ALA C 81 -13.58 -27.27 -28.38
C ALA C 81 -14.03 -28.04 -27.13
N ILE C 82 -14.69 -27.37 -26.18
CA ILE C 82 -15.09 -27.96 -24.85
C ILE C 82 -16.50 -28.57 -24.95
N GLY C 83 -17.22 -28.33 -26.05
CA GLY C 83 -18.55 -28.91 -26.32
C GLY C 83 -19.68 -27.92 -26.03
N ALA C 84 -20.80 -28.06 -26.74
CA ALA C 84 -22.00 -27.19 -26.61
C ALA C 84 -22.63 -27.40 -25.22
N GLY C 85 -23.16 -26.33 -24.63
CA GLY C 85 -23.77 -26.34 -23.28
C GLY C 85 -22.74 -26.54 -22.19
N ASN C 86 -21.46 -26.38 -22.50
CA ASN C 86 -20.32 -26.44 -21.53
C ASN C 86 -19.67 -25.05 -21.47
N LYS C 87 -19.31 -24.61 -20.26
CA LYS C 87 -18.72 -23.27 -19.99
C LYS C 87 -17.36 -23.45 -19.33
N LEU C 88 -16.54 -22.39 -19.34
CA LEU C 88 -15.21 -22.35 -18.66
C LEU C 88 -15.41 -22.13 -17.17
N ASP C 89 -14.63 -22.81 -16.33
CA ASP C 89 -14.56 -22.59 -14.86
C ASP C 89 -13.33 -21.72 -14.53
N GLY C 90 -12.41 -21.56 -15.49
CA GLY C 90 -11.11 -20.90 -15.27
C GLY C 90 -10.58 -20.25 -16.53
N VAL C 91 -9.85 -19.14 -16.38
CA VAL C 91 -9.14 -18.41 -17.47
C VAL C 91 -7.80 -17.92 -16.91
N VAL C 92 -6.69 -18.28 -17.56
CA VAL C 92 -5.32 -17.84 -17.19
C VAL C 92 -4.79 -16.89 -18.26
N HIS C 93 -4.66 -15.60 -17.90
CA HIS C 93 -3.91 -14.58 -18.67
C HIS C 93 -2.44 -14.66 -18.25
N SER C 94 -1.61 -15.30 -19.07
CA SER C 94 -0.13 -15.38 -18.90
C SER C 94 0.53 -14.72 -20.12
N ILE C 95 0.03 -13.55 -20.50
CA ILE C 95 0.45 -12.80 -21.72
C ILE C 95 1.15 -11.51 -21.27
N GLY C 96 2.32 -11.24 -21.85
CA GLY C 96 3.12 -10.04 -21.56
C GLY C 96 4.10 -9.75 -22.68
N PHE C 97 4.23 -8.48 -23.06
CA PHE C 97 5.20 -8.00 -24.06
C PHE C 97 5.44 -6.49 -23.89
N MET C 98 6.70 -6.07 -24.08
CA MET C 98 7.10 -4.66 -24.21
C MET C 98 8.25 -4.59 -25.21
N PRO C 99 8.13 -3.81 -26.31
CA PRO C 99 9.23 -3.65 -27.26
C PRO C 99 10.55 -3.30 -26.56
N GLN C 100 11.67 -3.62 -27.21
CA GLN C 100 13.05 -3.44 -26.67
C GLN C 100 13.25 -2.00 -26.20
N THR C 101 12.71 -1.03 -26.95
CA THR C 101 12.82 0.43 -26.68
C THR C 101 12.20 0.77 -25.31
N GLY C 102 11.22 -0.02 -24.85
CA GLY C 102 10.52 0.20 -23.57
C GLY C 102 11.24 -0.43 -22.39
N MET C 103 12.40 -1.06 -22.61
CA MET C 103 13.12 -1.82 -21.55
C MET C 103 14.65 -1.67 -21.70
N GLY C 104 15.39 -2.17 -20.72
CA GLY C 104 16.86 -2.30 -20.75
C GLY C 104 17.57 -0.96 -20.59
N ILE C 105 18.76 -0.83 -21.20
CA ILE C 105 19.62 0.39 -21.12
C ILE C 105 19.09 1.45 -22.10
N ASN C 106 18.21 1.04 -23.02
CA ASN C 106 17.41 1.96 -23.88
C ASN C 106 16.73 2.97 -22.95
N PRO C 107 17.19 4.24 -22.90
CA PRO C 107 16.74 5.17 -21.86
C PRO C 107 15.21 5.24 -21.74
N PHE C 108 14.71 5.32 -20.50
CA PHE C 108 13.25 5.33 -20.16
C PHE C 108 12.53 6.39 -21.02
N PHE C 109 13.10 7.59 -21.16
CA PHE C 109 12.48 8.74 -21.86
C PHE C 109 12.47 8.52 -23.38
N ASP C 110 13.32 7.65 -23.91
CA ASP C 110 13.53 7.47 -25.37
C ASP C 110 12.57 6.43 -25.95
N ALA C 111 11.73 5.81 -25.11
CA ALA C 111 10.71 4.82 -25.53
C ALA C 111 9.57 5.55 -26.25
N PRO C 112 9.40 5.36 -27.58
CA PRO C 112 8.31 6.00 -28.31
C PRO C 112 6.96 5.45 -27.84
N TYR C 113 5.93 6.30 -27.73
CA TYR C 113 4.62 5.90 -27.16
C TYR C 113 3.99 4.77 -27.98
N ALA C 114 4.15 4.79 -29.31
CA ALA C 114 3.67 3.74 -30.23
C ALA C 114 4.14 2.36 -29.74
N ASP C 115 5.37 2.28 -29.23
CA ASP C 115 5.97 1.03 -28.69
C ASP C 115 5.40 0.74 -27.29
N VAL C 116 5.34 1.77 -26.43
CA VAL C 116 4.78 1.67 -25.05
C VAL C 116 3.31 1.23 -25.12
N SER C 117 2.54 1.85 -26.02
CA SER C 117 1.10 1.56 -26.27
C SER C 117 0.94 0.09 -26.67
N LYS C 118 1.74 -0.38 -27.62
CA LYS C 118 1.75 -1.80 -28.08
C LYS C 118 1.98 -2.71 -26.86
N GLY C 119 2.90 -2.30 -25.99
CA GLY C 119 3.25 -3.04 -24.75
C GLY C 119 2.10 -3.07 -23.77
N ILE C 120 1.48 -1.92 -23.49
CA ILE C 120 0.33 -1.80 -22.56
C ILE C 120 -0.86 -2.58 -23.13
N HIS C 121 -1.09 -2.52 -24.45
CA HIS C 121 -2.16 -3.29 -25.16
C HIS C 121 -2.05 -4.77 -24.78
N ILE C 122 -0.91 -5.38 -25.07
CA ILE C 122 -0.67 -6.85 -24.90
C ILE C 122 -0.61 -7.21 -23.41
N SER C 123 -0.05 -6.34 -22.57
CA SER C 123 0.34 -6.65 -21.17
C SER C 123 -0.79 -6.29 -20.19
N ALA C 124 -1.56 -5.23 -20.44
CA ALA C 124 -2.55 -4.67 -19.49
C ALA C 124 -3.98 -4.78 -20.06
N TYR C 125 -4.26 -4.10 -21.17
CA TYR C 125 -5.60 -4.01 -21.79
C TYR C 125 -6.11 -5.41 -22.15
N SER C 126 -5.22 -6.28 -22.65
CA SER C 126 -5.53 -7.66 -23.11
C SER C 126 -6.23 -8.46 -22.01
N TYR C 127 -5.95 -8.15 -20.73
CA TYR C 127 -6.59 -8.83 -19.56
C TYR C 127 -8.09 -8.52 -19.54
N ALA C 128 -8.45 -7.27 -19.84
CA ALA C 128 -9.86 -6.78 -19.89
C ALA C 128 -10.56 -7.39 -21.11
N SER C 129 -9.91 -7.40 -22.27
CA SER C 129 -10.49 -7.88 -23.55
C SER C 129 -10.67 -9.41 -23.52
N MET C 130 -9.74 -10.13 -22.86
CA MET C 130 -9.87 -11.59 -22.62
C MET C 130 -11.08 -11.85 -21.72
N ALA C 131 -11.23 -11.05 -20.65
CA ALA C 131 -12.35 -11.13 -19.69
C ALA C 131 -13.68 -10.87 -20.42
N LYS C 132 -13.73 -9.85 -21.28
CA LYS C 132 -14.93 -9.46 -22.06
C LYS C 132 -15.39 -10.65 -22.92
N ALA C 133 -14.44 -11.22 -23.68
CA ALA C 133 -14.67 -12.33 -24.64
C ALA C 133 -15.17 -13.58 -23.90
N LEU C 134 -14.59 -13.89 -22.74
CA LEU C 134 -14.70 -15.23 -22.10
C LEU C 134 -15.73 -15.26 -20.97
N LEU C 135 -16.02 -14.13 -20.31
CA LEU C 135 -16.99 -14.07 -19.17
C LEU C 135 -18.36 -14.60 -19.61
N PRO C 136 -18.88 -14.24 -20.82
CA PRO C 136 -20.13 -14.81 -21.31
C PRO C 136 -20.20 -16.34 -21.34
N ILE C 137 -19.06 -17.03 -21.45
CA ILE C 137 -18.98 -18.52 -21.45
C ILE C 137 -18.23 -19.01 -20.20
N MET C 138 -18.44 -18.35 -19.05
CA MET C 138 -17.82 -18.73 -17.75
C MET C 138 -18.91 -19.06 -16.72
N ASN C 139 -18.71 -20.15 -15.95
CA ASN C 139 -19.66 -20.65 -14.93
C ASN C 139 -19.60 -19.75 -13.69
N PRO C 140 -20.72 -19.63 -12.93
CA PRO C 140 -20.66 -19.12 -11.55
C PRO C 140 -19.62 -19.90 -10.73
N GLY C 141 -18.93 -19.19 -9.82
CA GLY C 141 -17.80 -19.74 -9.03
C GLY C 141 -16.54 -19.83 -9.87
N GLY C 142 -16.53 -19.26 -11.07
CA GLY C 142 -15.39 -19.25 -12.00
C GLY C 142 -14.24 -18.40 -11.47
N SER C 143 -13.10 -18.42 -12.16
CA SER C 143 -11.85 -17.75 -11.73
C SER C 143 -11.04 -17.27 -12.94
N ILE C 144 -10.76 -15.96 -13.03
CA ILE C 144 -9.81 -15.37 -14.01
C ILE C 144 -8.53 -14.99 -13.25
N VAL C 145 -7.37 -15.37 -13.78
CA VAL C 145 -6.03 -15.15 -13.14
C VAL C 145 -5.09 -14.54 -14.19
N GLY C 146 -4.41 -13.45 -13.84
CA GLY C 146 -3.39 -12.79 -14.68
C GLY C 146 -2.03 -12.87 -14.03
N MET C 147 -0.96 -12.85 -14.84
CA MET C 147 0.43 -12.90 -14.33
C MET C 147 0.95 -11.47 -14.16
N ASP C 148 1.43 -11.16 -12.96
CA ASP C 148 1.86 -9.80 -12.54
C ASP C 148 3.31 -9.86 -12.07
N PHE C 149 4.03 -8.74 -12.20
CA PHE C 149 5.34 -8.48 -11.56
C PHE C 149 5.20 -7.17 -10.76
N ASP C 150 5.28 -7.28 -9.43
CA ASP C 150 5.03 -6.16 -8.46
C ASP C 150 5.65 -4.87 -9.00
N PRO C 151 4.85 -3.89 -9.48
CA PRO C 151 5.35 -2.60 -9.91
C PRO C 151 5.13 -1.47 -8.90
N SER C 152 4.81 -1.81 -7.65
CA SER C 152 4.54 -0.84 -6.55
CA SER C 152 4.53 -0.84 -6.55
C SER C 152 5.72 0.12 -6.38
N ARG C 153 6.94 -0.37 -6.66
CA ARG C 153 8.19 0.42 -6.62
C ARG C 153 8.89 0.28 -7.99
N ALA C 154 9.50 1.36 -8.47
CA ALA C 154 10.28 1.37 -9.73
C ALA C 154 11.56 0.57 -9.53
N MET C 155 12.16 0.10 -10.63
CA MET C 155 13.38 -0.74 -10.62
C MET C 155 14.09 -0.61 -11.97
N PRO C 156 15.39 -0.94 -12.06
CA PRO C 156 16.13 -0.81 -13.31
C PRO C 156 15.62 -1.76 -14.41
N ALA C 157 15.79 -1.36 -15.68
CA ALA C 157 15.68 -2.20 -16.89
C ALA C 157 14.22 -2.54 -17.23
N TYR C 158 13.41 -2.94 -16.24
CA TYR C 158 11.98 -3.32 -16.43
C TYR C 158 11.19 -2.12 -16.99
N ASN C 159 11.55 -0.91 -16.56
CA ASN C 159 11.15 0.38 -17.20
C ASN C 159 9.64 0.38 -17.49
N TRP C 160 9.25 0.39 -18.78
CA TRP C 160 7.84 0.58 -19.22
C TRP C 160 7.03 -0.71 -19.01
N MET C 161 7.68 -1.86 -18.88
CA MET C 161 7.00 -3.14 -18.54
C MET C 161 6.42 -3.01 -17.12
N THR C 162 7.12 -2.32 -16.22
CA THR C 162 6.66 -2.01 -14.84
C THR C 162 5.42 -1.12 -14.91
N VAL C 163 5.43 -0.09 -15.76
CA VAL C 163 4.28 0.81 -16.01
C VAL C 163 3.10 -0.03 -16.52
N ALA C 164 3.36 -0.93 -17.48
CA ALA C 164 2.38 -1.86 -18.06
C ALA C 164 1.76 -2.73 -16.95
N LYS C 165 2.57 -3.20 -16.00
CA LYS C 165 2.13 -4.06 -14.87
C LYS C 165 1.27 -3.23 -13.91
N SER C 166 1.65 -1.97 -13.65
CA SER C 166 0.87 -1.01 -12.81
C SER C 166 -0.53 -0.83 -13.42
N ALA C 167 -0.61 -0.69 -14.75
CA ALA C 167 -1.87 -0.55 -15.52
C ALA C 167 -2.69 -1.85 -15.41
N LEU C 168 -2.02 -3.00 -15.49
CA LEU C 168 -2.66 -4.35 -15.39
C LEU C 168 -3.35 -4.50 -14.02
N GLU C 169 -2.62 -4.18 -12.94
CA GLU C 169 -3.13 -4.24 -11.55
C GLU C 169 -4.43 -3.43 -11.46
N SER C 170 -4.46 -2.23 -12.03
CA SER C 170 -5.63 -1.32 -12.04
C SER C 170 -6.78 -1.95 -12.82
N VAL C 171 -6.49 -2.48 -14.01
CA VAL C 171 -7.47 -3.17 -14.92
C VAL C 171 -8.10 -4.34 -14.16
N ASN C 172 -7.28 -5.15 -13.49
CA ASN C 172 -7.71 -6.36 -12.73
C ASN C 172 -8.82 -5.98 -11.73
N ARG C 173 -8.69 -4.83 -11.06
CA ARG C 173 -9.67 -4.35 -10.05
C ARG C 173 -11.00 -4.02 -10.72
N PHE C 174 -10.97 -3.57 -11.98
CA PHE C 174 -12.18 -3.21 -12.78
C PHE C 174 -12.81 -4.48 -13.37
N VAL C 175 -11.99 -5.39 -13.90
CA VAL C 175 -12.44 -6.71 -14.41
C VAL C 175 -13.22 -7.43 -13.31
N ALA C 176 -12.72 -7.36 -12.07
CA ALA C 176 -13.33 -7.96 -10.86
C ALA C 176 -14.77 -7.47 -10.70
N ARG C 177 -15.02 -6.17 -10.92
CA ARG C 177 -16.36 -5.55 -10.85
C ARG C 177 -17.29 -6.22 -11.86
N GLU C 178 -16.81 -6.42 -13.09
CA GLU C 178 -17.58 -7.00 -14.22
C GLU C 178 -17.74 -8.51 -14.01
N ALA C 179 -16.65 -9.18 -13.61
CA ALA C 179 -16.61 -10.64 -13.32
C ALA C 179 -17.62 -10.99 -12.21
N GLY C 180 -17.73 -10.11 -11.19
CA GLY C 180 -18.62 -10.29 -10.03
C GLY C 180 -20.06 -10.56 -10.45
N LYS C 181 -20.55 -9.89 -11.49
CA LYS C 181 -21.93 -10.03 -12.03
C LYS C 181 -22.16 -11.48 -12.49
N TYR C 182 -21.12 -12.13 -13.03
CA TYR C 182 -21.14 -13.54 -13.52
C TYR C 182 -20.81 -14.54 -12.39
N GLY C 183 -20.64 -14.05 -11.15
CA GLY C 183 -20.21 -14.87 -10.01
C GLY C 183 -18.78 -15.34 -10.15
N VAL C 184 -17.98 -14.64 -10.97
CA VAL C 184 -16.58 -15.00 -11.34
C VAL C 184 -15.62 -14.10 -10.56
N ARG C 185 -14.50 -14.67 -10.10
CA ARG C 185 -13.40 -13.92 -9.42
C ARG C 185 -12.32 -13.55 -10.45
N SER C 186 -11.68 -12.40 -10.27
CA SER C 186 -10.54 -11.90 -11.07
C SER C 186 -9.39 -11.50 -10.12
N ASN C 187 -8.22 -12.08 -10.32
CA ASN C 187 -7.04 -11.88 -9.42
C ASN C 187 -5.75 -12.00 -10.23
N LEU C 188 -4.68 -11.33 -9.78
CA LEU C 188 -3.33 -11.45 -10.37
C LEU C 188 -2.43 -12.25 -9.41
N VAL C 189 -1.52 -13.05 -9.96
CA VAL C 189 -0.36 -13.62 -9.22
C VAL C 189 0.85 -12.74 -9.51
N ALA C 190 1.36 -12.05 -8.50
CA ALA C 190 2.66 -11.32 -8.53
C ALA C 190 3.77 -12.34 -8.29
N ALA C 191 4.36 -12.87 -9.36
CA ALA C 191 5.47 -13.84 -9.31
C ALA C 191 6.78 -13.11 -9.08
N GLY C 192 7.75 -13.77 -8.43
CA GLY C 192 9.15 -13.35 -8.42
C GLY C 192 9.78 -13.57 -9.79
N PRO C 193 11.05 -13.13 -10.01
CA PRO C 193 11.70 -13.33 -11.31
C PRO C 193 11.84 -14.82 -11.65
N ILE C 194 11.42 -15.21 -12.86
CA ILE C 194 11.50 -16.61 -13.37
C ILE C 194 12.42 -16.62 -14.59
N ARG C 195 13.39 -17.54 -14.61
CA ARG C 195 14.38 -17.68 -15.72
C ARG C 195 13.70 -18.29 -16.95
N THR C 196 12.87 -17.48 -17.62
CA THR C 196 12.33 -17.75 -18.98
C THR C 196 13.48 -17.60 -19.98
N LEU C 197 13.22 -17.85 -21.27
CA LEU C 197 14.19 -17.64 -22.36
C LEU C 197 14.52 -16.14 -22.44
N ALA C 198 13.49 -15.29 -22.55
CA ALA C 198 13.59 -13.82 -22.61
C ALA C 198 14.37 -13.28 -21.40
N MET C 199 14.11 -13.85 -20.21
CA MET C 199 14.75 -13.44 -18.93
C MET C 199 16.25 -13.74 -19.00
N SER C 200 16.61 -14.99 -19.34
CA SER C 200 18.01 -15.46 -19.47
C SER C 200 18.77 -14.57 -20.46
N ALA C 201 18.15 -14.26 -21.60
CA ALA C 201 18.69 -13.37 -22.66
C ALA C 201 19.05 -12.01 -22.05
N ILE C 202 18.14 -11.44 -21.25
CA ILE C 202 18.31 -10.11 -20.59
C ILE C 202 19.53 -10.16 -19.65
N VAL C 203 19.63 -11.22 -18.84
CA VAL C 203 20.78 -11.46 -17.92
C VAL C 203 22.06 -11.64 -18.76
N GLY C 204 21.92 -12.24 -19.95
CA GLY C 204 23.02 -12.42 -20.93
C GLY C 204 23.45 -11.11 -21.58
N GLY C 205 22.70 -10.03 -21.37
CA GLY C 205 23.02 -8.67 -21.84
C GLY C 205 22.32 -8.33 -23.15
N ALA C 206 21.23 -9.03 -23.47
CA ALA C 206 20.49 -8.91 -24.75
C ALA C 206 19.86 -7.51 -24.87
N LEU C 207 19.52 -6.87 -23.75
CA LEU C 207 19.01 -5.47 -23.70
C LEU C 207 20.07 -4.55 -23.08
N GLY C 208 21.36 -4.86 -23.29
CA GLY C 208 22.49 -4.07 -22.80
C GLY C 208 23.11 -4.66 -21.55
N GLU C 209 24.40 -4.39 -21.32
CA GLU C 209 25.21 -4.99 -20.21
C GLU C 209 24.68 -4.48 -18.86
N GLU C 210 24.49 -3.17 -18.73
CA GLU C 210 24.06 -2.49 -17.47
C GLU C 210 22.71 -3.07 -17.02
N ALA C 211 21.79 -3.31 -17.97
CA ALA C 211 20.44 -3.88 -17.72
C ALA C 211 20.57 -5.29 -17.15
N GLY C 212 21.36 -6.14 -17.82
CA GLY C 212 21.64 -7.52 -17.40
C GLY C 212 22.27 -7.59 -16.02
N ALA C 213 23.19 -6.66 -15.72
CA ALA C 213 23.87 -6.51 -14.42
C ALA C 213 22.85 -6.19 -13.33
N GLN C 214 21.89 -5.31 -13.63
CA GLN C 214 20.88 -4.82 -12.65
C GLN C 214 19.86 -5.94 -12.36
N ILE C 215 19.43 -6.67 -13.40
CA ILE C 215 18.44 -7.79 -13.28
C ILE C 215 19.09 -8.92 -12.47
N GLN C 216 20.38 -9.19 -12.68
CA GLN C 216 21.12 -10.26 -11.94
C GLN C 216 21.21 -9.88 -10.46
N LEU C 217 21.44 -8.60 -10.16
CA LEU C 217 21.49 -8.06 -8.77
C LEU C 217 20.09 -8.10 -8.15
N LEU C 218 19.05 -7.89 -8.96
CA LEU C 218 17.64 -7.92 -8.51
C LEU C 218 17.26 -9.35 -8.10
N GLU C 219 17.59 -10.34 -8.94
CA GLU C 219 17.38 -11.79 -8.67
C GLU C 219 17.99 -12.16 -7.32
N GLU C 220 19.28 -11.86 -7.15
CA GLU C 220 20.10 -12.28 -5.98
C GLU C 220 19.52 -11.62 -4.71
N GLY C 221 19.15 -10.34 -4.79
CA GLY C 221 18.49 -9.60 -3.70
C GLY C 221 17.15 -10.24 -3.34
N TRP C 222 16.43 -10.75 -4.36
CA TRP C 222 15.09 -11.36 -4.21
C TRP C 222 15.18 -12.62 -3.34
N ASP C 223 16.11 -13.52 -3.65
CA ASP C 223 16.37 -14.76 -2.87
C ASP C 223 16.81 -14.39 -1.45
N GLN C 224 17.69 -13.39 -1.31
CA GLN C 224 18.22 -12.90 -0.01
C GLN C 224 17.05 -12.42 0.88
N ARG C 225 16.18 -11.56 0.34
CA ARG C 225 15.02 -10.94 1.05
C ARG C 225 14.00 -12.02 1.43
N ALA C 226 13.59 -12.83 0.46
CA ALA C 226 12.55 -13.89 0.61
C ALA C 226 12.87 -14.76 1.83
N PRO C 227 12.06 -14.69 2.91
CA PRO C 227 12.31 -15.51 4.10
C PRO C 227 12.36 -17.04 3.83
N ILE C 228 11.65 -17.51 2.80
CA ILE C 228 11.62 -18.95 2.38
C ILE C 228 12.46 -19.11 1.10
N GLY C 229 13.38 -18.19 0.85
CA GLY C 229 14.24 -18.15 -0.36
C GLY C 229 13.43 -17.95 -1.63
N TRP C 230 14.10 -17.89 -2.77
CA TRP C 230 13.46 -17.80 -4.11
C TRP C 230 14.34 -18.50 -5.15
N ASN C 231 13.83 -19.57 -5.76
CA ASN C 231 14.46 -20.29 -6.89
C ASN C 231 13.84 -19.78 -8.19
N MET C 232 14.56 -18.91 -8.90
CA MET C 232 14.13 -18.30 -10.20
C MET C 232 14.06 -19.37 -11.31
N LYS C 233 14.71 -20.53 -11.11
CA LYS C 233 14.73 -21.65 -12.09
C LYS C 233 13.57 -22.61 -11.83
N ASP C 234 12.72 -22.32 -10.83
CA ASP C 234 11.56 -23.18 -10.45
C ASP C 234 10.27 -22.35 -10.54
N ALA C 235 9.49 -22.58 -11.60
CA ALA C 235 8.20 -21.90 -11.88
C ALA C 235 7.04 -22.62 -11.16
N THR C 236 7.29 -23.79 -10.56
CA THR C 236 6.25 -24.67 -9.96
C THR C 236 5.50 -23.93 -8.85
N PRO C 237 6.19 -23.26 -7.90
CA PRO C 237 5.50 -22.53 -6.83
C PRO C 237 4.55 -21.44 -7.37
N VAL C 238 4.94 -20.77 -8.46
CA VAL C 238 4.11 -19.76 -9.18
C VAL C 238 2.88 -20.48 -9.76
N ALA C 239 3.11 -21.58 -10.48
CA ALA C 239 2.07 -22.40 -11.16
C ALA C 239 1.05 -22.90 -10.13
N LYS C 240 1.52 -23.38 -8.97
CA LYS C 240 0.67 -23.92 -7.88
C LYS C 240 -0.21 -22.79 -7.30
N THR C 241 0.35 -21.58 -7.20
CA THR C 241 -0.36 -20.36 -6.70
C THR C 241 -1.50 -19.98 -7.65
N VAL C 242 -1.26 -20.03 -8.96
CA VAL C 242 -2.29 -19.75 -10.01
C VAL C 242 -3.43 -20.76 -9.83
N CYS C 243 -3.09 -22.04 -9.68
CA CYS C 243 -4.05 -23.16 -9.51
C CYS C 243 -4.86 -22.97 -8.21
N ALA C 244 -4.23 -22.44 -7.15
CA ALA C 244 -4.90 -22.11 -5.87
C ALA C 244 -6.01 -21.08 -6.10
N LEU C 245 -5.75 -20.08 -6.97
CA LEU C 245 -6.74 -19.02 -7.33
C LEU C 245 -7.81 -19.60 -8.27
N LEU C 246 -7.42 -20.53 -9.15
CA LEU C 246 -8.36 -21.23 -10.08
C LEU C 246 -9.25 -22.20 -9.30
N SER C 247 -8.81 -22.63 -8.10
CA SER C 247 -9.55 -23.58 -7.22
C SER C 247 -10.72 -22.86 -6.53
N ASP C 248 -11.44 -23.59 -5.68
CA ASP C 248 -12.59 -23.08 -4.88
C ASP C 248 -12.11 -22.68 -3.48
N TRP C 249 -10.79 -22.58 -3.27
CA TRP C 249 -10.16 -22.46 -1.93
C TRP C 249 -9.71 -21.03 -1.63
N LEU C 250 -9.96 -20.10 -2.57
CA LEU C 250 -9.86 -18.64 -2.33
C LEU C 250 -11.13 -17.97 -2.85
N PRO C 251 -12.32 -18.36 -2.33
CA PRO C 251 -13.60 -17.95 -2.90
C PRO C 251 -14.06 -16.53 -2.55
N ALA C 252 -13.36 -15.86 -1.62
CA ALA C 252 -13.68 -14.51 -1.11
C ALA C 252 -12.59 -13.51 -1.52
N THR C 253 -11.72 -13.88 -2.48
CA THR C 253 -10.61 -13.03 -2.98
C THR C 253 -10.89 -12.68 -4.46
N THR C 254 -11.00 -11.38 -4.76
CA THR C 254 -11.24 -10.87 -6.14
C THR C 254 -10.72 -9.43 -6.25
N GLY C 255 -10.38 -9.00 -7.47
CA GLY C 255 -9.73 -7.71 -7.77
C GLY C 255 -8.42 -7.56 -7.02
N ASP C 256 -7.82 -8.67 -6.62
CA ASP C 256 -6.71 -8.71 -5.63
C ASP C 256 -5.44 -9.26 -6.30
N ILE C 257 -4.33 -9.25 -5.56
CA ILE C 257 -3.00 -9.74 -6.00
C ILE C 257 -2.47 -10.72 -4.95
N ILE C 258 -2.19 -11.96 -5.37
CA ILE C 258 -1.48 -12.98 -4.53
C ILE C 258 0.00 -12.94 -4.91
N TYR C 259 0.88 -12.77 -3.93
CA TYR C 259 2.34 -12.64 -4.13
C TYR C 259 2.98 -14.04 -3.99
N ALA C 260 3.35 -14.63 -5.12
CA ALA C 260 4.13 -15.87 -5.24
C ALA C 260 5.60 -15.49 -5.50
N ASP C 261 6.25 -14.90 -4.49
CA ASP C 261 7.57 -14.23 -4.64
C ASP C 261 8.51 -14.66 -3.50
N GLY C 262 8.18 -15.73 -2.77
CA GLY C 262 8.93 -16.17 -1.58
C GLY C 262 8.78 -15.20 -0.41
N GLY C 263 7.85 -14.25 -0.51
CA GLY C 263 7.61 -13.21 0.51
C GLY C 263 8.63 -12.08 0.45
N ALA C 264 9.33 -11.94 -0.68
CA ALA C 264 10.40 -10.93 -0.90
C ALA C 264 9.83 -9.50 -0.80
N HIS C 265 8.58 -9.30 -1.22
CA HIS C 265 7.93 -7.96 -1.25
C HIS C 265 7.55 -7.51 0.17
N THR C 266 7.62 -8.40 1.16
CA THR C 266 7.26 -8.13 2.57
C THR C 266 8.51 -7.80 3.40
N GLN C 267 9.69 -7.79 2.77
CA GLN C 267 11.00 -7.61 3.46
C GLN C 267 11.79 -6.51 2.74
N LEU C 268 12.52 -5.69 3.50
CA LEU C 268 13.35 -4.58 2.95
C LEU C 268 14.79 -5.05 2.78
N LEU C 269 15.43 -5.48 3.88
CA LEU C 269 16.88 -5.82 3.96
C LEU C 269 17.70 -4.63 3.41
N GLY D 3 9.17 34.00 6.57
CA GLY D 3 9.15 32.91 7.59
C GLY D 3 8.00 31.94 7.36
N LEU D 4 8.32 30.66 7.13
CA LEU D 4 7.32 29.59 6.81
C LEU D 4 6.33 29.44 7.98
N LEU D 5 6.83 29.51 9.22
CA LEU D 5 6.03 29.31 10.46
C LEU D 5 5.94 30.64 11.23
N ASP D 6 5.78 31.74 10.50
CA ASP D 6 5.79 33.12 11.06
C ASP D 6 4.58 33.29 11.99
N GLY D 7 4.85 33.48 13.29
CA GLY D 7 3.82 33.76 14.31
C GLY D 7 3.19 32.49 14.89
N LYS D 8 3.52 31.32 14.35
CA LYS D 8 2.96 30.02 14.81
C LYS D 8 3.62 29.63 16.13
N ARG D 9 2.82 29.21 17.11
CA ARG D 9 3.29 28.67 18.42
C ARG D 9 3.31 27.13 18.34
N ILE D 10 4.49 26.52 18.48
CA ILE D 10 4.69 25.07 18.18
C ILE D 10 5.41 24.41 19.37
N LEU D 11 4.79 23.37 19.94
CA LEU D 11 5.44 22.48 20.94
C LEU D 11 6.30 21.47 20.19
N VAL D 12 7.57 21.30 20.60
CA VAL D 12 8.51 20.31 20.01
C VAL D 12 9.07 19.43 21.13
N SER D 13 8.79 18.12 21.05
CA SER D 13 9.29 17.08 21.99
C SER D 13 10.50 16.37 21.37
N GLY D 14 11.23 15.60 22.19
CA GLY D 14 12.17 14.57 21.72
C GLY D 14 13.59 15.06 21.47
N ILE D 15 13.96 16.25 21.97
CA ILE D 15 15.38 16.69 22.01
C ILE D 15 16.04 16.01 23.22
N ILE D 16 17.16 15.32 22.99
CA ILE D 16 18.05 14.76 24.06
C ILE D 16 19.50 15.21 23.80
N THR D 17 19.94 15.20 22.54
CA THR D 17 21.26 15.70 22.09
C THR D 17 21.06 16.63 20.89
N ASP D 18 22.16 17.21 20.39
CA ASP D 18 22.19 18.06 19.17
C ASP D 18 22.14 17.17 17.92
N SER D 19 22.24 15.85 18.09
CA SER D 19 22.09 14.82 17.02
C SER D 19 20.62 14.45 16.83
N SER D 20 19.80 14.63 17.86
CA SER D 20 18.32 14.39 17.85
C SER D 20 17.69 15.06 16.62
N ILE D 21 16.77 14.37 15.95
CA ILE D 21 15.98 14.92 14.81
C ILE D 21 15.19 16.13 15.30
N ALA D 22 14.67 16.06 16.54
CA ALA D 22 13.85 17.10 17.20
C ALA D 22 14.63 18.42 17.32
N PHE D 23 15.94 18.34 17.61
CA PHE D 23 16.82 19.54 17.71
C PHE D 23 16.82 20.27 16.36
N HIS D 24 16.96 19.52 15.26
CA HIS D 24 17.02 20.05 13.88
C HIS D 24 15.63 20.56 13.46
N ILE D 25 14.56 19.88 13.87
CA ILE D 25 13.15 20.36 13.70
C ILE D 25 13.02 21.70 14.43
N ALA D 26 13.35 21.73 15.72
CA ALA D 26 13.33 22.92 16.60
C ALA D 26 14.13 24.06 15.95
N ARG D 27 15.36 23.77 15.50
CA ARG D 27 16.28 24.77 14.89
C ARG D 27 15.60 25.40 13.66
N VAL D 28 15.22 24.57 12.69
CA VAL D 28 14.62 25.01 11.38
C VAL D 28 13.30 25.73 11.65
N ALA D 29 12.54 25.29 12.66
CA ALA D 29 11.24 25.89 13.04
C ALA D 29 11.46 27.33 13.49
N GLN D 30 12.39 27.55 14.43
CA GLN D 30 12.76 28.89 14.97
C GLN D 30 13.30 29.77 13.83
N GLU D 31 14.14 29.21 12.96
CA GLU D 31 14.70 29.89 11.76
C GLU D 31 13.54 30.45 10.91
N GLN D 32 12.38 29.78 10.92
CA GLN D 32 11.20 30.13 10.08
C GLN D 32 10.14 30.88 10.90
N GLY D 33 10.52 31.45 12.05
CA GLY D 33 9.71 32.44 12.80
C GLY D 33 8.78 31.82 13.82
N ALA D 34 8.88 30.51 14.07
CA ALA D 34 8.03 29.77 15.04
C ALA D 34 8.46 30.13 16.47
N GLN D 35 7.50 30.44 17.34
CA GLN D 35 7.71 30.57 18.82
C GLN D 35 7.57 29.17 19.43
N LEU D 36 8.64 28.62 20.01
CA LEU D 36 8.71 27.20 20.43
C LEU D 36 8.42 27.06 21.92
N VAL D 37 7.69 26.00 22.27
CA VAL D 37 7.68 25.35 23.61
C VAL D 37 8.37 24.01 23.44
N LEU D 38 9.40 23.72 24.25
CA LEU D 38 10.14 22.44 24.21
C LEU D 38 9.72 21.57 25.38
N THR D 39 9.60 20.26 25.16
CA THR D 39 9.37 19.24 26.21
C THR D 39 10.56 18.27 26.23
N GLY D 40 11.01 17.89 27.41
CA GLY D 40 12.20 17.04 27.63
C GLY D 40 11.90 15.91 28.59
N PHE D 41 12.61 14.78 28.45
CA PHE D 41 12.42 13.56 29.28
C PHE D 41 13.70 13.29 30.09
N ASP D 42 13.55 13.13 31.42
CA ASP D 42 14.54 12.54 32.34
C ASP D 42 15.69 13.53 32.59
N ARG D 43 16.59 13.69 31.60
CA ARG D 43 17.87 14.43 31.74
C ARG D 43 17.66 15.89 31.32
N LEU D 44 17.03 16.68 32.19
CA LEU D 44 16.52 18.05 31.89
C LEU D 44 17.67 19.06 31.84
N ARG D 45 18.63 18.98 32.77
CA ARG D 45 19.82 19.88 32.82
C ARG D 45 20.57 19.75 31.50
N LEU D 46 20.76 18.51 31.01
CA LEU D 46 21.37 18.19 29.69
C LEU D 46 20.57 18.88 28.57
N ILE D 47 19.27 18.61 28.50
CA ILE D 47 18.38 19.09 27.39
C ILE D 47 18.40 20.63 27.37
N GLN D 48 18.31 21.26 28.54
CA GLN D 48 18.34 22.75 28.67
C GLN D 48 19.66 23.27 28.07
N ARG D 49 20.78 22.62 28.42
CA ARG D 49 22.14 22.97 27.90
C ARG D 49 22.17 22.82 26.37
N ILE D 50 21.69 21.69 25.85
CA ILE D 50 21.68 21.36 24.39
C ILE D 50 20.85 22.43 23.65
N THR D 51 19.67 22.77 24.19
CA THR D 51 18.68 23.67 23.55
C THR D 51 19.14 25.14 23.63
N ASP D 52 20.08 25.46 24.52
CA ASP D 52 20.70 26.81 24.62
C ASP D 52 21.35 27.20 23.28
N ARG D 53 21.78 26.19 22.49
CA ARG D 53 22.47 26.40 21.19
C ARG D 53 21.45 26.66 20.07
N LEU D 54 20.14 26.53 20.35
CA LEU D 54 19.07 26.86 19.37
C LEU D 54 19.10 28.36 19.09
N PRO D 55 18.71 28.79 17.86
CA PRO D 55 18.77 30.21 17.49
C PRO D 55 18.06 31.17 18.46
N ALA D 56 16.99 30.70 19.11
CA ALA D 56 16.15 31.48 20.05
C ALA D 56 15.99 30.73 21.38
N LYS D 57 15.81 31.45 22.47
CA LYS D 57 15.51 30.89 23.82
C LYS D 57 14.06 30.38 23.81
N ALA D 58 13.85 29.15 24.30
CA ALA D 58 12.53 28.48 24.31
C ALA D 58 12.27 27.85 25.68
N PRO D 59 11.08 28.04 26.28
CA PRO D 59 10.75 27.38 27.54
C PRO D 59 10.79 25.85 27.39
N LEU D 60 11.44 25.17 28.33
CA LEU D 60 11.54 23.68 28.38
C LEU D 60 10.65 23.16 29.51
N LEU D 61 9.63 22.36 29.17
CA LEU D 61 8.74 21.67 30.14
C LEU D 61 9.14 20.19 30.21
N GLU D 62 9.09 19.59 31.40
CA GLU D 62 9.37 18.14 31.59
C GLU D 62 8.14 17.34 31.11
N LEU D 63 8.35 16.36 30.24
CA LEU D 63 7.29 15.43 29.77
C LEU D 63 7.87 14.01 29.62
N ASP D 64 7.57 13.14 30.59
CA ASP D 64 7.62 11.67 30.45
C ASP D 64 6.23 11.21 29.99
N VAL D 65 6.14 10.69 28.77
CA VAL D 65 4.83 10.32 28.13
C VAL D 65 4.25 9.07 28.83
N GLN D 66 5.04 8.39 29.66
CA GLN D 66 4.58 7.22 30.48
C GLN D 66 4.01 7.72 31.81
N ASN D 67 4.15 9.02 32.11
CA ASN D 67 3.71 9.64 33.39
C ASN D 67 2.35 10.31 33.17
N GLU D 68 1.30 9.76 33.80
CA GLU D 68 -0.10 10.26 33.68
C GLU D 68 -0.21 11.67 34.26
N GLU D 69 0.54 11.97 35.33
CA GLU D 69 0.56 13.29 36.01
C GLU D 69 1.12 14.35 35.05
N HIS D 70 2.19 14.02 34.33
CA HIS D 70 2.88 14.91 33.35
C HIS D 70 1.91 15.31 32.23
N LEU D 71 1.15 14.33 31.71
CA LEU D 71 0.19 14.51 30.58
C LEU D 71 -1.02 15.32 31.05
N ALA D 72 -1.54 15.03 32.24
CA ALA D 72 -2.70 15.69 32.87
C ALA D 72 -2.39 17.18 33.08
N SER D 73 -1.15 17.50 33.45
CA SER D 73 -0.69 18.88 33.83
C SER D 73 -0.18 19.64 32.60
N LEU D 74 0.16 18.94 31.51
CA LEU D 74 0.92 19.49 30.35
C LEU D 74 0.25 20.76 29.81
N ALA D 75 -1.01 20.67 29.40
CA ALA D 75 -1.79 21.76 28.76
C ALA D 75 -1.70 23.04 29.62
N GLY D 76 -1.90 22.91 30.93
CA GLY D 76 -1.78 24.01 31.90
C GLY D 76 -0.38 24.63 31.87
N ARG D 77 0.65 23.80 31.98
CA ARG D 77 2.08 24.21 31.99
C ARG D 77 2.45 24.87 30.65
N VAL D 78 1.88 24.38 29.54
CA VAL D 78 2.11 24.95 28.17
C VAL D 78 1.44 26.33 28.11
N THR D 79 0.18 26.43 28.54
CA THR D 79 -0.62 27.69 28.60
C THR D 79 0.14 28.73 29.44
N GLU D 80 0.71 28.32 30.58
CA GLU D 80 1.51 29.18 31.49
C GLU D 80 2.72 29.73 30.72
N ALA D 81 3.36 28.91 29.87
CA ALA D 81 4.61 29.23 29.15
C ALA D 81 4.34 30.18 27.98
N ILE D 82 3.25 29.96 27.22
CA ILE D 82 2.90 30.75 26.00
C ILE D 82 1.95 31.90 26.36
N GLY D 83 1.34 31.86 27.55
CA GLY D 83 0.50 32.95 28.09
C GLY D 83 -0.99 32.65 27.95
N ALA D 84 -1.80 33.19 28.87
CA ALA D 84 -3.27 33.01 28.92
C ALA D 84 -3.90 33.53 27.63
N GLY D 85 -4.91 32.81 27.11
CA GLY D 85 -5.64 33.17 25.88
C GLY D 85 -4.80 32.95 24.62
N ASN D 86 -3.65 32.29 24.74
CA ASN D 86 -2.79 31.86 23.61
C ASN D 86 -2.85 30.33 23.52
N LYS D 87 -2.94 29.79 22.31
CA LYS D 87 -3.04 28.34 22.02
C LYS D 87 -1.90 27.93 21.08
N LEU D 88 -1.63 26.63 20.98
CA LEU D 88 -0.59 26.05 20.09
C LEU D 88 -1.14 25.95 18.67
N ASP D 89 -0.30 26.24 17.67
CA ASP D 89 -0.60 26.08 16.22
C ASP D 89 0.08 24.81 15.69
N GLY D 90 0.96 24.20 16.49
CA GLY D 90 1.78 23.04 16.07
C GLY D 90 2.19 22.18 17.26
N VAL D 91 2.34 20.87 17.02
CA VAL D 91 2.84 19.87 18.01
C VAL D 91 3.72 18.88 17.27
N VAL D 92 4.98 18.73 17.69
CA VAL D 92 5.96 17.75 17.14
C VAL D 92 6.16 16.63 18.16
N HIS D 93 5.68 15.43 17.83
CA HIS D 93 6.03 14.15 18.51
C HIS D 93 7.28 13.58 17.83
N SER D 94 8.44 13.72 18.47
CA SER D 94 9.74 13.15 18.03
C SER D 94 10.26 12.23 19.13
N ILE D 95 9.40 11.35 19.63
CA ILE D 95 9.66 10.46 20.80
C ILE D 95 9.65 9.00 20.30
N GLY D 96 10.68 8.24 20.67
CA GLY D 96 10.83 6.82 20.30
C GLY D 96 11.75 6.10 21.26
N PHE D 97 11.33 4.93 21.74
CA PHE D 97 12.17 4.03 22.57
C PHE D 97 11.70 2.59 22.39
N MET D 98 12.66 1.65 22.39
CA MET D 98 12.43 0.19 22.47
C MET D 98 13.59 -0.40 23.27
N PRO D 99 13.32 -1.11 24.40
CA PRO D 99 14.38 -1.78 25.15
C PRO D 99 15.27 -2.64 24.25
N GLN D 100 16.54 -2.81 24.64
CA GLN D 100 17.59 -3.53 23.88
C GLN D 100 17.06 -4.90 23.44
N THR D 101 16.28 -5.57 24.28
CA THR D 101 15.70 -6.92 24.04
C THR D 101 14.77 -6.89 22.82
N GLY D 102 14.19 -5.73 22.50
CA GLY D 102 13.25 -5.55 21.37
C GLY D 102 13.96 -5.30 20.05
N MET D 103 15.30 -5.21 20.05
CA MET D 103 16.09 -4.84 18.84
C MET D 103 17.41 -5.64 18.78
N GLY D 104 18.13 -5.50 17.66
CA GLY D 104 19.48 -6.05 17.47
C GLY D 104 19.49 -7.56 17.24
N ILE D 105 20.60 -8.21 17.61
CA ILE D 105 20.82 -9.68 17.44
C ILE D 105 20.02 -10.43 18.53
N ASN D 106 19.60 -9.72 19.58
CA ASN D 106 18.63 -10.23 20.58
C ASN D 106 17.44 -10.79 19.81
N PRO D 107 17.26 -12.13 19.73
CA PRO D 107 16.27 -12.73 18.84
C PRO D 107 14.87 -12.11 19.00
N PHE D 108 14.16 -11.92 17.89
CA PHE D 108 12.80 -11.31 17.82
C PHE D 108 11.87 -11.98 18.84
N PHE D 109 11.89 -13.32 18.91
CA PHE D 109 10.98 -14.13 19.77
C PHE D 109 11.34 -13.98 21.26
N ASP D 110 12.57 -13.59 21.58
CA ASP D 110 13.10 -13.58 22.98
C ASP D 110 12.77 -12.24 23.68
N ALA D 111 12.21 -11.26 22.97
CA ALA D 111 11.76 -9.96 23.53
C ALA D 111 10.56 -10.19 24.43
N PRO D 112 10.67 -10.04 25.77
CA PRO D 112 9.52 -10.22 26.66
C PRO D 112 8.52 -9.09 26.47
N TYR D 113 7.22 -9.37 26.53
CA TYR D 113 6.15 -8.41 26.17
C TYR D 113 6.24 -7.14 27.03
N ALA D 114 6.63 -7.27 28.30
CA ALA D 114 6.82 -6.14 29.24
C ALA D 114 7.71 -5.07 28.60
N ASP D 115 8.76 -5.50 27.90
CA ASP D 115 9.73 -4.60 27.20
C ASP D 115 9.10 -4.04 25.93
N VAL D 116 8.42 -4.90 25.15
CA VAL D 116 7.71 -4.51 23.89
C VAL D 116 6.62 -3.50 24.23
N SER D 117 5.84 -3.77 25.28
CA SER D 117 4.73 -2.90 25.77
C SER D 117 5.29 -1.52 26.14
N LYS D 118 6.39 -1.48 26.88
CA LYS D 118 7.11 -0.23 27.24
C LYS D 118 7.50 0.51 25.96
N GLY D 119 8.01 -0.24 24.97
CA GLY D 119 8.40 0.30 23.65
C GLY D 119 7.22 0.89 22.89
N ILE D 120 6.12 0.13 22.77
CA ILE D 120 4.88 0.55 22.07
C ILE D 120 4.26 1.75 22.80
N HIS D 121 4.30 1.76 24.14
CA HIS D 121 3.80 2.87 25.00
C HIS D 121 4.45 4.19 24.55
N ILE D 122 5.78 4.25 24.58
CA ILE D 122 6.58 5.49 24.35
C ILE D 122 6.55 5.86 22.86
N SER D 123 6.56 4.85 21.96
CA SER D 123 6.81 5.02 20.50
C SER D 123 5.50 5.24 19.73
N ALA D 124 4.39 4.63 20.18
CA ALA D 124 3.10 4.60 19.44
C ALA D 124 1.99 5.28 20.25
N TYR D 125 1.60 4.70 21.39
CA TYR D 125 0.46 5.15 22.22
C TYR D 125 0.64 6.62 22.62
N SER D 126 1.87 7.01 22.96
CA SER D 126 2.26 8.37 23.42
C SER D 126 1.83 9.45 22.41
N TYR D 127 1.77 9.10 21.11
CA TYR D 127 1.33 10.02 20.03
C TYR D 127 -0.13 10.42 20.28
N ALA D 128 -0.96 9.46 20.68
CA ALA D 128 -2.39 9.66 21.05
C ALA D 128 -2.47 10.44 22.37
N SER D 129 -1.63 10.08 23.36
CA SER D 129 -1.56 10.73 24.70
C SER D 129 -1.28 12.22 24.54
N MET D 130 -0.25 12.58 23.75
CA MET D 130 0.15 13.97 23.49
C MET D 130 -1.00 14.70 22.79
N ALA D 131 -1.65 14.05 21.81
CA ALA D 131 -2.79 14.59 21.04
C ALA D 131 -3.95 14.92 22.00
N LYS D 132 -4.30 13.99 22.90
CA LYS D 132 -5.38 14.18 23.91
C LYS D 132 -5.09 15.42 24.75
N ALA D 133 -3.89 15.46 25.36
CA ALA D 133 -3.44 16.52 26.28
C ALA D 133 -3.47 17.90 25.60
N LEU D 134 -3.04 17.98 24.34
CA LEU D 134 -2.67 19.25 23.67
C LEU D 134 -3.77 19.76 22.73
N LEU D 135 -4.64 18.89 22.20
CA LEU D 135 -5.69 19.29 21.22
C LEU D 135 -6.61 20.35 21.85
N PRO D 136 -7.04 20.22 23.12
CA PRO D 136 -7.82 21.27 23.78
C PRO D 136 -7.20 22.68 23.73
N ILE D 137 -5.86 22.79 23.70
CA ILE D 137 -5.13 24.09 23.65
C ILE D 137 -4.50 24.29 22.26
N MET D 138 -5.12 23.76 21.20
CA MET D 138 -4.64 23.92 19.80
C MET D 138 -5.65 24.73 18.98
N ASN D 139 -5.16 25.62 18.12
CA ASN D 139 -5.97 26.53 17.26
C ASN D 139 -6.48 25.76 16.04
N PRO D 140 -7.63 26.16 15.46
CA PRO D 140 -7.99 25.71 14.11
C PRO D 140 -6.88 26.00 13.09
N GLY D 141 -6.78 25.19 12.05
CA GLY D 141 -5.68 25.22 11.07
C GLY D 141 -4.37 24.71 11.66
N GLY D 142 -4.44 24.07 12.83
CA GLY D 142 -3.28 23.54 13.58
C GLY D 142 -2.75 22.27 12.94
N SER D 143 -1.58 21.81 13.39
CA SER D 143 -0.84 20.65 12.80
C SER D 143 -0.12 19.86 13.89
N ILE D 144 -0.41 18.57 14.00
CA ILE D 144 0.37 17.60 14.83
C ILE D 144 1.20 16.73 13.89
N VAL D 145 2.49 16.57 14.18
CA VAL D 145 3.45 15.77 13.36
C VAL D 145 4.18 14.80 14.28
N GLY D 146 4.29 13.53 13.85
CA GLY D 146 5.04 12.47 14.54
C GLY D 146 6.18 11.97 13.66
N MET D 147 7.25 11.46 14.26
CA MET D 147 8.40 10.89 13.51
C MET D 147 8.18 9.38 13.33
N ASP D 148 8.31 8.91 12.10
CA ASP D 148 8.00 7.52 11.67
C ASP D 148 9.22 6.95 10.93
N PHE D 149 9.43 5.64 11.03
CA PHE D 149 10.36 4.85 10.17
C PHE D 149 9.54 3.78 9.44
N ASP D 150 9.42 3.90 8.12
CA ASP D 150 8.57 3.05 7.25
C ASP D 150 8.65 1.60 7.71
N PRO D 151 7.58 1.05 8.35
CA PRO D 151 7.54 -0.34 8.75
C PRO D 151 6.70 -1.25 7.84
N SER D 152 6.36 -0.76 6.64
CA SER D 152 5.50 -1.47 5.65
CA SER D 152 5.50 -1.47 5.65
C SER D 152 6.11 -2.83 5.30
N ARG D 153 7.44 -2.94 5.37
CA ARG D 153 8.20 -4.19 5.15
CA ARG D 153 8.21 -4.18 5.14
C ARG D 153 9.13 -4.43 6.36
N ALA D 154 9.25 -5.68 6.78
CA ALA D 154 10.14 -6.10 7.89
C ALA D 154 11.59 -5.92 7.45
N MET D 155 12.50 -5.73 8.40
CA MET D 155 13.95 -5.53 8.15
C MET D 155 14.74 -6.02 9.36
N PRO D 156 16.06 -6.31 9.21
CA PRO D 156 16.85 -6.82 10.33
C PRO D 156 17.01 -5.77 11.44
N ALA D 157 17.18 -6.23 12.68
CA ALA D 157 17.67 -5.46 13.85
C ALA D 157 16.59 -4.54 14.42
N TYR D 158 15.88 -3.78 13.57
CA TYR D 158 14.82 -2.81 14.00
C TYR D 158 13.71 -3.56 14.74
N ASN D 159 13.39 -4.80 14.30
CA ASN D 159 12.60 -5.80 15.06
C ASN D 159 11.33 -5.16 15.62
N TRP D 160 11.19 -5.06 16.94
CA TRP D 160 9.94 -4.64 17.63
C TRP D 160 9.73 -3.13 17.51
N MET D 161 10.79 -2.36 17.22
CA MET D 161 10.67 -0.90 16.95
C MET D 161 9.89 -0.71 15.64
N THR D 162 10.06 -1.61 14.68
CA THR D 162 9.29 -1.63 13.41
C THR D 162 7.82 -1.90 13.72
N VAL D 163 7.53 -2.89 14.57
CA VAL D 163 6.15 -3.21 15.04
C VAL D 163 5.56 -1.96 15.69
N ALA D 164 6.34 -1.28 16.54
CA ALA D 164 5.96 -0.04 17.25
C ALA D 164 5.61 1.05 16.23
N LYS D 165 6.38 1.16 15.15
CA LYS D 165 6.16 2.17 14.07
C LYS D 165 4.88 1.83 13.28
N SER D 166 4.64 0.54 13.02
CA SER D 166 3.40 0.04 12.39
C SER D 166 2.19 0.47 13.23
N ALA D 167 2.29 0.32 14.56
CA ALA D 167 1.25 0.73 15.54
C ALA D 167 1.06 2.26 15.49
N LEU D 168 2.17 3.01 15.42
CA LEU D 168 2.18 4.50 15.39
C LEU D 168 1.41 4.99 14.16
N GLU D 169 1.71 4.43 12.98
CA GLU D 169 1.02 4.76 11.70
C GLU D 169 -0.49 4.58 11.89
N SER D 170 -0.91 3.48 12.51
CA SER D 170 -2.34 3.16 12.76
C SER D 170 -2.95 4.19 13.71
N VAL D 171 -2.25 4.49 14.81
CA VAL D 171 -2.67 5.50 15.83
C VAL D 171 -2.86 6.87 15.15
N ASN D 172 -1.91 7.26 14.30
CA ASN D 172 -1.93 8.56 13.57
C ASN D 172 -3.26 8.73 12.84
N ARG D 173 -3.73 7.70 12.14
CA ARG D 173 -4.99 7.71 11.35
C ARG D 173 -6.19 7.95 12.27
N PHE D 174 -6.12 7.48 13.52
CA PHE D 174 -7.19 7.64 14.54
C PHE D 174 -7.08 9.03 15.19
N VAL D 175 -5.87 9.48 15.50
CA VAL D 175 -5.61 10.85 16.04
C VAL D 175 -6.19 11.87 15.07
N ALA D 176 -6.01 11.64 13.76
CA ALA D 176 -6.51 12.51 12.67
C ALA D 176 -8.03 12.70 12.79
N ARG D 177 -8.76 11.62 13.07
CA ARG D 177 -10.24 11.63 13.27
C ARG D 177 -10.60 12.59 14.39
N GLU D 178 -9.85 12.53 15.51
CA GLU D 178 -10.08 13.36 16.73
C GLU D 178 -9.62 14.79 16.46
N ALA D 179 -8.40 14.95 15.92
CA ALA D 179 -7.79 16.25 15.57
C ALA D 179 -8.71 17.03 14.62
N GLY D 180 -9.37 16.33 13.69
CA GLY D 180 -10.29 16.91 12.68
C GLY D 180 -11.37 17.78 13.30
N LYS D 181 -11.89 17.37 14.46
CA LYS D 181 -12.97 18.08 15.19
C LYS D 181 -12.49 19.47 15.63
N TYR D 182 -11.20 19.61 15.93
CA TYR D 182 -10.53 20.87 16.34
C TYR D 182 -10.01 21.66 15.12
N GLY D 183 -10.29 21.17 13.90
CA GLY D 183 -9.77 21.74 12.64
C GLY D 183 -8.27 21.55 12.52
N VAL D 184 -7.72 20.54 13.22
CA VAL D 184 -6.26 20.25 13.36
C VAL D 184 -5.93 19.04 12.48
N ARG D 185 -4.79 19.08 11.80
CA ARG D 185 -4.24 17.96 10.98
C ARG D 185 -3.31 17.11 11.85
N SER D 186 -3.22 15.81 11.55
CA SER D 186 -2.30 14.84 12.18
C SER D 186 -1.62 14.01 11.09
N ASN D 187 -0.30 14.06 11.01
CA ASN D 187 0.50 13.37 9.97
C ASN D 187 1.83 12.90 10.56
N LEU D 188 2.41 11.83 10.01
CA LEU D 188 3.77 11.36 10.36
C LEU D 188 4.73 11.72 9.22
N VAL D 189 5.98 12.01 9.57
CA VAL D 189 7.11 12.10 8.60
C VAL D 189 7.90 10.79 8.71
N ALA D 190 7.83 9.96 7.66
CA ALA D 190 8.65 8.74 7.50
C ALA D 190 10.04 9.17 7.00
N ALA D 191 10.97 9.36 7.94
CA ALA D 191 12.37 9.77 7.64
C ALA D 191 13.20 8.53 7.26
N GLY D 192 14.22 8.74 6.42
CA GLY D 192 15.29 7.74 6.18
C GLY D 192 16.18 7.63 7.43
N PRO D 193 17.15 6.69 7.46
CA PRO D 193 18.01 6.53 8.62
C PRO D 193 18.87 7.79 8.88
N ILE D 194 18.91 8.25 10.13
CA ILE D 194 19.70 9.44 10.55
C ILE D 194 20.72 9.00 11.60
N ARG D 195 22.00 9.35 11.38
CA ARG D 195 23.11 9.01 12.30
C ARG D 195 22.98 9.84 13.58
N THR D 196 22.02 9.47 14.43
CA THR D 196 21.91 9.95 15.84
C THR D 196 22.98 9.23 16.66
N LEU D 197 23.14 9.59 17.94
CA LEU D 197 24.06 8.92 18.87
C LEU D 197 23.69 7.44 18.95
N ALA D 198 22.39 7.14 19.10
CA ALA D 198 21.81 5.78 19.21
C ALA D 198 22.14 4.96 17.96
N MET D 199 21.94 5.53 16.76
CA MET D 199 22.18 4.79 15.49
CA MET D 199 22.19 4.83 15.46
C MET D 199 23.68 4.51 15.34
N SER D 200 24.52 5.53 15.53
CA SER D 200 26.01 5.43 15.47
C SER D 200 26.47 4.28 16.37
N ALA D 201 25.95 4.21 17.59
CA ALA D 201 26.22 3.13 18.58
C ALA D 201 25.85 1.77 17.98
N ILE D 202 24.67 1.66 17.36
CA ILE D 202 24.14 0.39 16.76
C ILE D 202 25.08 -0.06 15.63
N VAL D 203 25.48 0.86 14.73
CA VAL D 203 26.44 0.59 13.63
C VAL D 203 27.78 0.19 14.24
N GLY D 204 28.14 0.78 15.39
CA GLY D 204 29.36 0.46 16.16
C GLY D 204 29.31 -0.95 16.77
N GLY D 205 28.13 -1.58 16.80
CA GLY D 205 27.92 -2.97 17.24
C GLY D 205 27.35 -3.05 18.65
N ALA D 206 26.70 -1.97 19.12
CA ALA D 206 26.17 -1.82 20.50
C ALA D 206 25.09 -2.86 20.78
N LEU D 207 24.29 -3.22 19.75
CA LEU D 207 23.24 -4.27 19.84
C LEU D 207 23.69 -5.52 19.06
N GLY D 208 24.99 -5.81 19.07
CA GLY D 208 25.58 -7.01 18.43
C GLY D 208 26.15 -6.70 17.07
N GLU D 209 27.06 -7.56 16.58
CA GLU D 209 27.87 -7.34 15.35
C GLU D 209 26.98 -7.46 14.11
N GLU D 210 26.21 -8.55 14.02
CA GLU D 210 25.33 -8.85 12.85
C GLU D 210 24.31 -7.71 12.68
N ALA D 211 23.82 -7.16 13.80
CA ALA D 211 22.81 -6.07 13.84
C ALA D 211 23.42 -4.81 13.20
N GLY D 212 24.59 -4.38 13.69
CA GLY D 212 25.34 -3.23 13.16
C GLY D 212 25.67 -3.40 11.69
N ALA D 213 26.03 -4.62 11.28
CA ALA D 213 26.36 -4.99 9.87
C ALA D 213 25.13 -4.79 8.98
N GLN D 214 23.97 -5.24 9.43
CA GLN D 214 22.69 -5.18 8.67
C GLN D 214 22.24 -3.72 8.54
N ILE D 215 22.36 -2.94 9.62
CA ILE D 215 21.96 -1.50 9.66
C ILE D 215 22.89 -0.69 8.74
N GLN D 216 24.16 -1.08 8.64
CA GLN D 216 25.16 -0.41 7.76
C GLN D 216 24.82 -0.71 6.30
N LEU D 217 24.41 -1.95 5.99
CA LEU D 217 23.98 -2.38 4.64
C LEU D 217 22.66 -1.69 4.27
N LEU D 218 21.77 -1.51 5.24
CA LEU D 218 20.46 -0.82 5.07
C LEU D 218 20.73 0.64 4.67
N GLU D 219 21.56 1.35 5.44
CA GLU D 219 22.01 2.74 5.17
C GLU D 219 22.44 2.89 3.71
N GLU D 220 23.39 2.06 3.29
CA GLU D 220 24.08 2.15 1.97
C GLU D 220 23.08 1.87 0.85
N GLY D 221 22.23 0.84 1.03
CA GLY D 221 21.13 0.50 0.11
C GLY D 221 20.16 1.66 -0.03
N TRP D 222 19.92 2.39 1.07
CA TRP D 222 18.97 3.54 1.14
C TRP D 222 19.44 4.65 0.19
N ASP D 223 20.72 5.06 0.29
CA ASP D 223 21.35 6.09 -0.57
C ASP D 223 21.35 5.61 -2.03
N GLN D 224 21.67 4.33 -2.27
CA GLN D 224 21.68 3.69 -3.61
C GLN D 224 20.30 3.83 -4.27
N ARG D 225 19.24 3.42 -3.55
CA ARG D 225 17.84 3.38 -4.05
C ARG D 225 17.31 4.80 -4.29
N ALA D 226 17.51 5.70 -3.31
CA ALA D 226 17.03 7.10 -3.29
C ALA D 226 17.49 7.81 -4.57
N PRO D 227 16.56 8.14 -5.50
CA PRO D 227 16.93 8.83 -6.75
C PRO D 227 17.67 10.16 -6.56
N ILE D 228 17.39 10.87 -5.46
CA ILE D 228 18.05 12.18 -5.10
C ILE D 228 19.10 11.93 -4.01
N GLY D 229 19.51 10.67 -3.81
CA GLY D 229 20.47 10.26 -2.78
C GLY D 229 19.89 10.39 -1.38
N TRP D 230 20.64 9.94 -0.36
CA TRP D 230 20.27 10.07 1.07
C TRP D 230 21.54 10.26 1.92
N ASN D 231 21.67 11.43 2.53
CA ASN D 231 22.74 11.75 3.51
C ASN D 231 22.19 11.50 4.91
N MET D 232 22.62 10.40 5.55
CA MET D 232 22.17 9.99 6.91
C MET D 232 22.75 10.93 7.98
N LYS D 233 23.79 11.70 7.64
CA LYS D 233 24.46 12.66 8.57
C LYS D 233 23.79 14.04 8.47
N ASP D 234 22.77 14.19 7.63
CA ASP D 234 22.05 15.48 7.39
C ASP D 234 20.57 15.29 7.74
N ALA D 235 20.15 15.80 8.91
CA ALA D 235 18.76 15.73 9.43
C ALA D 235 17.92 16.91 8.89
N THR D 236 18.55 17.87 8.20
CA THR D 236 17.91 19.14 7.74
C THR D 236 16.74 18.84 6.81
N PRO D 237 16.88 17.94 5.80
CA PRO D 237 15.77 17.60 4.91
C PRO D 237 14.54 17.03 5.64
N VAL D 238 14.76 16.24 6.69
CA VAL D 238 13.68 15.69 7.58
C VAL D 238 13.03 16.86 8.31
N ALA D 239 13.85 17.73 8.92
CA ALA D 239 13.42 18.91 9.71
C ALA D 239 12.56 19.84 8.85
N LYS D 240 13.00 20.13 7.63
CA LYS D 240 12.28 21.02 6.66
C LYS D 240 10.93 20.39 6.30
N THR D 241 10.87 19.06 6.19
CA THR D 241 9.65 18.29 5.86
C THR D 241 8.64 18.37 7.01
N VAL D 242 9.09 18.24 8.26
CA VAL D 242 8.22 18.39 9.47
C VAL D 242 7.64 19.81 9.47
N CYS D 243 8.50 20.81 9.20
CA CYS D 243 8.12 22.25 9.14
C CYS D 243 7.10 22.49 8.02
N ALA D 244 7.20 21.75 6.91
CA ALA D 244 6.25 21.81 5.77
C ALA D 244 4.85 21.39 6.23
N LEU D 245 4.76 20.31 7.04
CA LEU D 245 3.49 19.80 7.60
C LEU D 245 2.97 20.75 8.69
N LEU D 246 3.87 21.40 9.43
CA LEU D 246 3.53 22.39 10.49
C LEU D 246 3.01 23.68 9.83
N SER D 247 3.41 23.95 8.59
CA SER D 247 3.02 25.16 7.82
C SER D 247 1.55 25.06 7.37
N ASP D 248 1.08 26.05 6.61
CA ASP D 248 -0.29 26.11 6.04
C ASP D 248 -0.30 25.55 4.61
N TRP D 249 0.79 24.90 4.19
CA TRP D 249 1.06 24.58 2.75
C TRP D 249 0.78 23.11 2.44
N LEU D 250 0.30 22.35 3.43
CA LEU D 250 -0.30 21.00 3.24
C LEU D 250 -1.62 20.94 4.00
N PRO D 251 -2.60 21.81 3.64
CA PRO D 251 -3.82 21.98 4.44
C PRO D 251 -4.89 20.89 4.23
N ALA D 252 -4.72 20.04 3.21
CA ALA D 252 -5.67 18.97 2.83
C ALA D 252 -5.05 17.59 3.06
N THR D 253 -3.96 17.52 3.84
CA THR D 253 -3.25 16.25 4.19
C THR D 253 -3.39 15.99 5.69
N THR D 254 -3.99 14.86 6.07
CA THR D 254 -4.19 14.44 7.48
C THR D 254 -4.33 12.92 7.57
N GLY D 255 -4.03 12.35 8.74
CA GLY D 255 -3.98 10.90 8.98
C GLY D 255 -2.99 10.20 8.05
N ASP D 256 -2.02 10.95 7.52
CA ASP D 256 -1.20 10.55 6.36
C ASP D 256 0.27 10.46 6.78
N ILE D 257 1.13 10.04 5.85
CA ILE D 257 2.60 9.87 6.04
C ILE D 257 3.32 10.56 4.89
N ILE D 258 4.18 11.53 5.19
CA ILE D 258 5.11 12.17 4.22
C ILE D 258 6.46 11.49 4.35
N TYR D 259 7.00 10.97 3.24
CA TYR D 259 8.28 10.22 3.19
C TYR D 259 9.42 11.20 2.88
N ALA D 260 10.19 11.55 3.91
CA ALA D 260 11.46 12.31 3.84
C ALA D 260 12.62 11.32 3.87
N ASP D 261 12.76 10.55 2.79
CA ASP D 261 13.64 9.35 2.72
C ASP D 261 14.47 9.36 1.42
N GLY D 262 14.53 10.49 0.72
CA GLY D 262 15.21 10.62 -0.59
C GLY D 262 14.47 9.89 -1.69
N GLY D 263 13.23 9.46 -1.43
CA GLY D 263 12.42 8.66 -2.38
C GLY D 263 12.83 7.20 -2.40
N ALA D 264 13.57 6.74 -1.38
CA ALA D 264 14.12 5.37 -1.27
C ALA D 264 12.98 4.34 -1.24
N HIS D 265 11.84 4.67 -0.63
CA HIS D 265 10.69 3.74 -0.43
C HIS D 265 9.93 3.54 -1.74
N THR D 266 10.21 4.35 -2.77
CA THR D 266 9.52 4.32 -4.09
C THR D 266 10.31 3.49 -5.10
N GLN D 267 11.48 2.97 -4.70
CA GLN D 267 12.43 2.27 -5.60
C GLN D 267 12.78 0.90 -4.98
N LEU D 268 13.01 -0.10 -5.83
CA LEU D 268 13.34 -1.49 -5.41
C LEU D 268 14.85 -1.71 -5.55
N LEU D 269 15.38 -1.55 -6.76
CA LEU D 269 16.77 -1.95 -7.15
C LEU D 269 17.05 -3.38 -6.69
#